data_9O6C
#
_entry.id   9O6C
#
_cell.length_a   78.470
_cell.length_b   78.470
_cell.length_c   253.000
_cell.angle_alpha   90.00
_cell.angle_beta   90.00
_cell.angle_gamma   120.00
#
_symmetry.space_group_name_H-M   'P 31 2 1'
#
loop_
_entity.id
_entity.type
_entity.pdbx_description
1 polymer '8B6 diabody'
2 water water
#
_entity_poly.entity_id   1
_entity_poly.type   'polypeptide(L)'
_entity_poly.pdbx_seq_one_letter_code
;DIVMTQSHKFMSTSVGDRVSITCKASQDVSTAVAWYQQKPGQSPKLLIYSASYRYTGVPDRFTGSGSGTDFTFTISSVQA
EDLAVYYCQQHYSIPRTFGGGTKLEIKREVQLQQSGPELVKPGASVKISCKASGYTFTDYYMNWVKQSHGKSLEWIGNIN
PNNGGTSYNQKFKGKATLTVDKSSTTAYMELRSLTSEDSAVYYCTRSPVRPYYFDYWGQGTTLTVSHHHHHHHH
;
_entity_poly.pdbx_strand_id   A,B,G,H,C,D
#
# COMPACT_ATOMS: atom_id res chain seq x y z
N GLU A 109 3.47 -3.30 13.05
CA GLU A 109 2.41 -2.92 13.96
C GLU A 109 2.87 -1.87 14.96
N VAL A 110 1.94 -0.99 15.35
CA VAL A 110 2.23 0.00 16.36
C VAL A 110 2.09 -0.63 17.74
N GLN A 111 2.96 -0.25 18.66
CA GLN A 111 2.94 -0.83 20.00
C GLN A 111 3.44 0.14 21.06
N LEU A 112 2.79 0.11 22.22
CA LEU A 112 3.25 0.86 23.39
C LEU A 112 3.54 -0.12 24.53
N GLN A 113 4.80 -0.43 24.73
CA GLN A 113 5.21 -1.36 25.77
C GLN A 113 5.69 -0.59 27.00
N GLN A 114 4.93 -0.68 28.07
CA GLN A 114 5.28 0.02 29.32
C GLN A 114 6.18 -0.86 30.18
N SER A 115 6.82 -0.24 31.16
CA SER A 115 7.64 -0.97 32.12
C SER A 115 6.79 -1.93 32.93
N GLY A 116 7.44 -2.81 33.69
CA GLY A 116 6.73 -3.79 34.48
C GLY A 116 5.97 -3.16 35.63
N PRO A 117 5.15 -3.96 36.32
CA PRO A 117 4.41 -3.49 37.50
C PRO A 117 5.34 -3.11 38.66
N GLU A 118 4.85 -2.32 39.60
CA GLU A 118 5.68 -1.79 40.68
C GLU A 118 5.04 -1.93 42.05
N LEU A 119 5.83 -2.41 43.01
CA LEU A 119 5.44 -2.41 44.42
C LEU A 119 6.42 -1.50 45.14
N VAL A 120 5.92 -0.35 45.58
CA VAL A 120 6.77 0.68 46.17
C VAL A 120 6.36 1.07 47.58
N LYS A 121 7.30 1.68 48.30
CA LYS A 121 7.05 2.18 49.63
C LYS A 121 6.46 3.59 49.55
N PRO A 122 5.63 3.97 50.55
CA PRO A 122 5.14 5.35 50.63
C PRO A 122 6.26 6.37 50.69
N GLY A 123 6.08 7.50 50.02
CA GLY A 123 7.05 8.59 50.06
C GLY A 123 8.14 8.45 49.01
N ALA A 124 8.25 7.26 48.41
CA ALA A 124 9.25 7.02 47.39
C ALA A 124 8.82 7.65 46.07
N SER A 125 9.60 7.39 45.02
CA SER A 125 9.27 7.82 43.68
C SER A 125 9.42 6.65 42.71
N VAL A 126 8.83 6.78 41.53
CA VAL A 126 8.96 5.77 40.50
C VAL A 126 8.80 6.40 39.13
N LYS A 127 9.70 6.06 38.21
CA LYS A 127 9.64 6.55 36.85
C LYS A 127 9.17 5.44 35.90
N ILE A 128 7.97 5.60 35.37
CA ILE A 128 7.36 4.59 34.50
C ILE A 128 7.64 4.89 33.04
N SER A 129 8.20 3.92 32.34
CA SER A 129 8.58 4.08 30.94
C SER A 129 7.48 3.60 30.00
N CYS A 130 7.59 4.00 28.73
CA CYS A 130 6.64 3.59 27.72
C CYS A 130 7.28 3.62 26.33
N LYS A 131 7.78 2.46 25.89
CA LYS A 131 8.49 2.34 24.62
C LYS A 131 7.51 2.33 23.45
N ALA A 132 7.77 3.19 22.46
CA ALA A 132 6.90 3.33 21.31
C ALA A 132 7.55 2.78 20.04
N SER A 133 6.73 2.16 19.19
CA SER A 133 7.19 1.60 17.93
C SER A 133 6.09 1.61 16.87
N GLY A 134 6.47 1.49 15.60
CA GLY A 134 5.51 1.33 14.52
C GLY A 134 5.04 2.63 13.88
N TYR A 135 5.46 3.75 14.44
CA TYR A 135 5.00 5.06 13.95
C TYR A 135 5.99 6.18 14.25
N THR A 136 5.80 7.32 13.59
CA THR A 136 6.65 8.48 13.79
C THR A 136 6.47 9.03 15.20
N PHE A 137 7.42 8.70 16.07
CA PHE A 137 7.35 9.01 17.50
C PHE A 137 7.16 10.50 17.80
N THR A 138 7.52 11.36 16.85
CA THR A 138 7.50 12.80 17.07
C THR A 138 6.31 13.49 16.41
N ASP A 139 5.40 12.70 15.84
CA ASP A 139 4.22 13.25 15.18
C ASP A 139 2.96 13.05 16.01
N TYR A 140 3.13 12.70 17.29
CA TYR A 140 1.98 12.46 18.15
C TYR A 140 2.30 12.76 19.62
N TYR A 141 1.31 13.31 20.33
CA TYR A 141 1.43 13.53 21.76
C TYR A 141 1.48 12.20 22.48
N MET A 142 2.10 12.19 23.66
CA MET A 142 2.06 11.02 24.53
C MET A 142 1.45 11.40 25.88
N ASN A 143 0.23 10.94 26.10
CA ASN A 143 -0.51 11.28 27.31
C ASN A 143 -0.44 10.14 28.31
N TRP A 144 -0.87 10.41 29.55
CA TRP A 144 -0.98 9.38 30.58
C TRP A 144 -2.33 9.50 31.28
N VAL A 145 -2.81 8.40 31.85
CA VAL A 145 -4.14 8.34 32.44
C VAL A 145 -4.17 7.46 33.70
N LYS A 146 -4.66 8.02 34.81
CA LYS A 146 -4.72 7.29 36.07
C LYS A 146 -6.08 6.66 36.30
N GLN A 147 -6.09 5.41 36.74
CA GLN A 147 -7.34 4.71 37.07
C GLN A 147 -7.21 3.95 38.38
N SER A 148 -7.60 4.59 39.48
CA SER A 148 -7.63 3.91 40.76
C SER A 148 -8.60 2.74 40.64
N HIS A 149 -8.35 1.68 41.40
CA HIS A 149 -9.03 0.40 41.22
C HIS A 149 -10.54 0.54 41.03
N GLY A 150 -11.00 0.20 39.83
CA GLY A 150 -12.41 0.20 39.52
C GLY A 150 -13.01 1.59 39.46
N LYS A 151 -12.24 2.56 38.99
CA LYS A 151 -12.72 3.93 38.85
C LYS A 151 -12.73 4.37 37.39
N SER A 152 -13.17 5.61 37.16
CA SER A 152 -13.31 6.13 35.81
C SER A 152 -11.96 6.48 35.22
N LEU A 153 -11.99 6.99 33.99
CA LEU A 153 -10.76 7.38 33.32
C LEU A 153 -10.37 8.81 33.66
N GLU A 154 -9.12 8.99 34.05
CA GLU A 154 -8.64 10.28 34.55
C GLU A 154 -7.32 10.69 33.89
N TRP A 155 -7.42 11.58 32.92
CA TRP A 155 -6.26 12.07 32.18
C TRP A 155 -5.29 12.80 33.10
N ILE A 156 -3.99 12.59 32.87
CA ILE A 156 -2.95 13.15 33.73
C ILE A 156 -2.23 14.31 33.05
N GLY A 157 -1.64 14.04 31.89
CA GLY A 157 -0.88 15.04 31.18
C GLY A 157 -0.22 14.51 29.93
N ASN A 158 0.01 15.40 28.96
CA ASN A 158 0.67 15.03 27.72
C ASN A 158 2.06 15.66 27.63
N ILE A 159 2.88 15.13 26.73
CA ILE A 159 4.17 15.72 26.42
C ILE A 159 4.35 15.74 24.91
N ASN A 160 5.03 16.77 24.41
CA ASN A 160 5.31 16.87 22.99
C ASN A 160 6.73 16.42 22.70
N PRO A 161 6.89 15.24 22.08
CA PRO A 161 8.26 14.73 21.83
C PRO A 161 9.10 15.70 21.01
N ASN A 162 8.43 16.47 20.17
CA ASN A 162 9.10 17.38 19.24
C ASN A 162 9.94 18.44 19.96
N ASN A 163 9.51 18.82 21.16
CA ASN A 163 10.25 19.81 21.96
C ASN A 163 10.21 19.52 23.46
N GLY A 164 9.49 18.46 23.84
CA GLY A 164 9.35 18.08 25.23
C GLY A 164 8.38 18.94 26.02
N GLY A 165 7.61 19.76 25.31
CA GLY A 165 6.62 20.61 25.96
C GLY A 165 5.52 19.79 26.59
N THR A 166 5.27 20.03 27.88
CA THR A 166 4.30 19.25 28.65
C THR A 166 3.07 20.05 29.04
N SER A 167 1.98 19.35 29.28
CA SER A 167 0.75 19.93 29.80
C SER A 167 0.13 18.95 30.78
N TYR A 168 -0.33 19.46 31.92
CA TYR A 168 -0.77 18.61 33.01
C TYR A 168 -2.22 18.85 33.44
N ASN A 169 -2.86 17.78 33.87
CA ASN A 169 -4.10 17.87 34.62
C ASN A 169 -3.76 18.56 35.93
N GLN A 170 -4.39 19.71 36.17
CA GLN A 170 -4.05 20.57 37.29
C GLN A 170 -4.06 19.84 38.62
N LYS A 171 -4.80 18.73 38.67
CA LYS A 171 -4.81 17.87 39.85
C LYS A 171 -3.45 17.22 40.06
N PHE A 172 -2.81 16.83 38.96
CA PHE A 172 -1.60 16.03 39.02
C PHE A 172 -0.32 16.86 38.91
N LYS A 173 -0.46 18.18 38.87
CA LYS A 173 0.71 19.06 38.89
C LYS A 173 1.43 18.92 40.22
N GLY A 174 2.72 18.63 40.16
CA GLY A 174 3.52 18.40 41.36
C GLY A 174 3.60 16.92 41.68
N LYS A 175 2.58 16.17 41.29
CA LYS A 175 2.56 14.73 41.49
C LYS A 175 3.40 14.01 40.45
N ALA A 176 3.18 14.36 39.18
CA ALA A 176 3.84 13.68 38.07
C ALA A 176 4.81 14.58 37.31
N THR A 177 5.80 13.96 36.68
CA THR A 177 6.72 14.67 35.79
C THR A 177 6.85 13.88 34.50
N LEU A 178 6.51 14.52 33.39
CA LEU A 178 6.56 13.87 32.08
C LEU A 178 7.86 14.18 31.36
N THR A 179 8.57 13.12 30.99
CA THR A 179 9.82 13.27 30.25
C THR A 179 9.79 12.35 29.03
N VAL A 180 10.68 12.59 28.08
CA VAL A 180 10.70 11.86 26.82
C VAL A 180 12.12 11.76 26.27
N ASP A 181 12.36 10.70 25.49
CA ASP A 181 13.63 10.50 24.84
C ASP A 181 13.41 10.04 23.40
N LYS A 182 13.53 10.98 22.47
CA LYS A 182 13.28 10.70 21.06
C LYS A 182 14.18 9.60 20.51
N SER A 183 15.44 9.58 20.97
CA SER A 183 16.42 8.64 20.47
C SER A 183 16.00 7.19 20.67
N SER A 184 15.30 6.94 21.78
CA SER A 184 14.81 5.59 22.08
C SER A 184 13.30 5.52 21.89
N THR A 185 12.69 6.64 21.51
CA THR A 185 11.25 6.72 21.30
C THR A 185 10.48 6.20 22.52
N THR A 186 10.97 6.57 23.70
CA THR A 186 10.35 6.17 24.96
C THR A 186 9.94 7.38 25.77
N ALA A 187 8.68 7.40 26.19
CA ALA A 187 8.16 8.46 27.04
C ALA A 187 8.04 7.93 28.47
N TYR A 188 8.36 8.80 29.43
CA TYR A 188 8.38 8.38 30.83
C TYR A 188 7.44 9.23 31.67
N MET A 189 7.16 8.75 32.88
CA MET A 189 6.32 9.44 33.82
C MET A 189 6.78 9.11 35.23
N GLU A 190 7.31 10.11 35.93
CA GLU A 190 7.84 9.90 37.26
C GLU A 190 6.96 10.56 38.31
N LEU A 191 6.52 9.75 39.26
CA LEU A 191 5.70 10.21 40.36
C LEU A 191 6.55 10.31 41.62
N ARG A 192 6.35 11.39 42.37
CA ARG A 192 7.10 11.61 43.61
C ARG A 192 6.15 11.72 44.80
N SER A 193 6.69 11.44 45.99
CA SER A 193 5.91 11.50 47.22
C SER A 193 4.69 10.58 47.14
N LEU A 194 4.95 9.29 46.95
CA LEU A 194 3.89 8.32 46.74
C LEU A 194 3.20 7.90 48.03
N THR A 195 1.89 7.69 47.94
CA THR A 195 1.12 7.07 48.99
C THR A 195 0.10 6.15 48.34
N SER A 196 -0.69 5.45 49.15
CA SER A 196 -1.59 4.43 48.63
C SER A 196 -2.69 5.02 47.76
N GLU A 197 -2.93 6.32 47.87
CA GLU A 197 -3.98 6.96 47.07
C GLU A 197 -3.56 6.96 45.61
N ASP A 198 -2.26 6.91 45.37
CA ASP A 198 -1.72 6.88 44.01
C ASP A 198 -1.65 5.45 43.49
N SER A 199 -1.73 4.48 44.40
CA SER A 199 -1.77 3.07 44.00
C SER A 199 -2.90 2.86 43.02
N ALA A 200 -2.56 2.80 41.74
CA ALA A 200 -3.56 2.71 40.68
C ALA A 200 -2.94 2.14 39.41
N VAL A 201 -3.77 1.93 38.39
CA VAL A 201 -3.29 1.49 37.09
C VAL A 201 -3.11 2.71 36.20
N TYR A 202 -1.92 2.84 35.63
CA TYR A 202 -1.59 3.99 34.79
C TYR A 202 -1.37 3.55 33.35
N TYR A 203 -1.85 4.36 32.41
CA TYR A 203 -1.75 4.05 30.99
C TYR A 203 -1.13 5.19 30.19
N CYS A 204 -0.03 4.89 29.51
CA CYS A 204 0.50 5.82 28.52
C CYS A 204 -0.31 5.66 27.24
N THR A 205 -0.74 6.77 26.65
CA THR A 205 -1.57 6.71 25.45
C THR A 205 -1.26 7.82 24.47
N ARG A 206 -1.23 7.46 23.19
CA ARG A 206 -0.92 8.38 22.12
C ARG A 206 -2.17 9.17 21.71
N SER A 207 -1.96 10.38 21.20
CA SER A 207 -3.07 11.22 20.76
C SER A 207 -2.68 12.05 19.54
N PRO A 208 -3.47 11.96 18.45
CA PRO A 208 -3.21 12.92 17.38
C PRO A 208 -3.61 14.32 17.80
N VAL A 209 -3.07 15.33 17.13
CA VAL A 209 -3.41 16.71 17.43
C VAL A 209 -4.82 16.98 16.92
N ARG A 210 -5.07 16.63 15.67
CA ARG A 210 -6.41 16.68 15.09
C ARG A 210 -6.61 15.58 14.04
N PRO A 211 -7.74 14.85 14.10
CA PRO A 211 -8.78 14.94 15.12
C PRO A 211 -8.30 14.33 16.42
N TYR A 212 -8.63 14.96 17.55
CA TYR A 212 -8.07 14.56 18.82
C TYR A 212 -8.79 13.36 19.43
N TYR A 213 -8.01 12.33 19.74
CA TYR A 213 -8.53 11.16 20.44
C TYR A 213 -7.38 10.29 20.93
N PHE A 214 -7.71 9.22 21.64
CA PHE A 214 -6.69 8.31 22.16
C PHE A 214 -6.73 6.97 21.41
N ASP A 215 -5.87 6.85 20.39
CA ASP A 215 -5.97 5.76 19.43
C ASP A 215 -5.09 4.55 19.78
N TYR A 216 -4.15 4.73 20.70
CA TYR A 216 -3.32 3.62 21.17
C TYR A 216 -2.99 3.74 22.65
N TRP A 217 -2.93 2.59 23.32
CA TRP A 217 -2.72 2.52 24.76
C TRP A 217 -1.71 1.44 25.10
N GLY A 218 -0.93 1.65 26.16
CA GLY A 218 -0.01 0.63 26.62
C GLY A 218 -0.77 -0.48 27.31
N GLN A 219 -0.07 -1.56 27.64
CA GLN A 219 -0.73 -2.72 28.26
C GLN A 219 -1.20 -2.39 29.67
N GLY A 220 -0.52 -1.43 30.30
CA GLY A 220 -0.85 -1.00 31.65
C GLY A 220 0.26 -1.27 32.64
N THR A 221 0.48 -0.32 33.54
CA THR A 221 1.47 -0.46 34.61
C THR A 221 0.74 -0.36 35.96
N THR A 222 0.81 -1.43 36.75
CA THR A 222 0.08 -1.52 38.00
C THR A 222 0.94 -1.11 39.20
N LEU A 223 0.69 0.08 39.71
CA LEU A 223 1.43 0.60 40.86
C LEU A 223 0.70 0.32 42.17
N THR A 224 1.45 -0.09 43.17
CA THR A 224 0.90 -0.35 44.51
C THR A 224 1.84 0.19 45.57
N VAL A 225 1.47 1.33 46.16
CA VAL A 225 2.30 1.98 47.16
C VAL A 225 2.04 1.39 48.55
N SER A 226 2.97 0.55 48.99
CA SER A 226 2.86 -0.12 50.29
C SER A 226 4.22 -0.22 50.99
N ASP B 1 -13.27 22.97 33.55
CA ASP B 1 -13.37 21.66 32.83
C ASP B 1 -14.79 21.40 32.34
N ILE B 2 -14.91 20.58 31.30
CA ILE B 2 -16.21 20.12 30.84
C ILE B 2 -16.50 18.77 31.50
N VAL B 3 -17.74 18.60 31.96
CA VAL B 3 -18.10 17.42 32.74
C VAL B 3 -18.87 16.40 31.91
N MET B 4 -18.18 15.32 31.54
CA MET B 4 -18.83 14.20 30.89
C MET B 4 -19.62 13.43 31.94
N THR B 5 -20.91 13.27 31.69
CA THR B 5 -21.78 12.57 32.64
C THR B 5 -22.49 11.39 32.00
N GLN B 6 -22.20 10.21 32.53
CA GLN B 6 -22.93 9.00 32.19
C GLN B 6 -23.79 8.64 33.39
N SER B 7 -25.01 9.18 33.40
CA SER B 7 -25.88 9.13 34.56
C SER B 7 -26.12 7.71 35.06
N HIS B 8 -25.90 6.73 34.18
CA HIS B 8 -26.03 5.33 34.55
C HIS B 8 -24.66 4.66 34.65
N LYS B 9 -24.35 4.15 35.83
CA LYS B 9 -23.10 3.46 36.08
C LYS B 9 -23.20 2.01 35.62
N PHE B 10 -24.43 1.54 35.46
CA PHE B 10 -24.67 0.18 35.00
C PHE B 10 -25.86 0.11 34.05
N MET B 11 -25.84 -0.88 33.16
CA MET B 11 -26.94 -1.11 32.24
C MET B 11 -27.03 -2.58 31.86
N SER B 12 -28.16 -3.20 32.14
CA SER B 12 -28.34 -4.62 31.87
C SER B 12 -28.95 -4.86 30.51
N THR B 13 -28.36 -5.80 29.78
CA THR B 13 -28.85 -6.18 28.46
C THR B 13 -28.61 -7.67 28.24
N SER B 14 -29.17 -8.20 27.15
CA SER B 14 -28.97 -9.58 26.79
C SER B 14 -28.35 -9.69 25.41
N VAL B 15 -27.96 -10.89 25.04
CA VAL B 15 -27.46 -11.14 23.70
C VAL B 15 -28.58 -10.88 22.70
N GLY B 16 -28.25 -10.16 21.63
CA GLY B 16 -29.21 -9.85 20.59
C GLY B 16 -30.05 -8.64 20.91
N ASP B 17 -30.03 -8.18 22.16
CA ASP B 17 -30.79 -7.01 22.57
C ASP B 17 -30.07 -5.74 22.13
N ARG B 18 -30.85 -4.68 21.95
CA ARG B 18 -30.29 -3.37 21.64
C ARG B 18 -30.14 -2.59 22.93
N VAL B 19 -29.00 -1.91 23.08
CA VAL B 19 -28.72 -1.11 24.27
C VAL B 19 -28.11 0.22 23.86
N SER B 20 -28.51 1.30 24.53
CA SER B 20 -27.99 2.62 24.25
C SER B 20 -27.46 3.29 25.52
N ILE B 21 -26.17 3.63 25.53
CA ILE B 21 -25.55 4.32 26.65
C ILE B 21 -25.41 5.80 26.35
N THR B 22 -25.96 6.62 27.23
CA THR B 22 -25.97 8.06 27.03
C THR B 22 -24.84 8.76 27.76
N CYS B 23 -24.39 9.86 27.19
CA CYS B 23 -23.43 10.73 27.84
C CYS B 23 -23.87 12.16 27.61
N LYS B 24 -23.72 12.99 28.64
CA LYS B 24 -24.09 14.40 28.53
C LYS B 24 -22.92 15.30 28.86
N ALA B 25 -22.74 16.33 28.04
CA ALA B 25 -21.70 17.33 28.27
C ALA B 25 -22.28 18.48 29.08
N SER B 26 -21.47 19.06 29.95
CA SER B 26 -21.88 20.21 30.74
C SER B 26 -22.06 21.43 29.84
N GLN B 27 -21.50 21.37 28.64
CA GLN B 27 -21.60 22.47 27.69
C GLN B 27 -21.47 21.99 26.25
N ASP B 28 -21.67 22.90 25.30
CA ASP B 28 -21.62 22.58 23.88
C ASP B 28 -20.23 22.16 23.45
N VAL B 29 -20.08 20.90 23.05
CA VAL B 29 -18.81 20.39 22.53
C VAL B 29 -18.97 19.94 21.09
N SER B 30 -20.08 20.32 20.47
CA SER B 30 -20.37 19.94 19.09
C SER B 30 -20.33 18.41 18.94
N THR B 31 -19.42 17.92 18.11
CA THR B 31 -19.27 16.48 17.90
C THR B 31 -18.04 15.96 18.63
N ALA B 32 -17.40 16.85 19.38
CA ALA B 32 -16.11 16.52 19.98
C ALA B 32 -16.24 15.55 21.15
N VAL B 33 -16.66 14.33 20.85
CA VAL B 33 -16.79 13.29 21.87
C VAL B 33 -16.28 11.97 21.32
N ALA B 34 -15.64 11.18 22.17
CA ALA B 34 -15.11 9.87 21.77
C ALA B 34 -15.46 8.81 22.80
N TRP B 35 -15.71 7.58 22.30
CA TRP B 35 -16.13 6.48 23.15
C TRP B 35 -15.08 5.37 23.20
N TYR B 36 -15.00 4.66 24.33
CA TYR B 36 -14.01 3.60 24.52
C TYR B 36 -14.59 2.35 25.15
N GLN B 37 -13.91 1.23 24.95
CA GLN B 37 -14.29 -0.05 25.54
C GLN B 37 -13.15 -0.65 26.35
N GLN B 38 -13.40 -0.83 27.64
CA GLN B 38 -12.42 -1.44 28.53
C GLN B 38 -12.92 -2.79 29.05
N LYS B 39 -12.40 -3.85 28.47
CA LYS B 39 -12.77 -5.20 28.88
C LYS B 39 -11.96 -5.59 30.11
N PRO B 40 -12.39 -6.64 30.82
CA PRO B 40 -11.65 -7.11 31.99
C PRO B 40 -10.19 -7.44 31.70
N GLY B 41 -9.30 -6.77 32.42
CA GLY B 41 -7.87 -7.00 32.28
C GLY B 41 -7.31 -6.42 31.00
N GLN B 42 -8.13 -5.69 30.27
CA GLN B 42 -7.69 -5.08 29.00
C GLN B 42 -7.64 -3.57 29.09
N SER B 43 -6.96 -2.95 28.12
CA SER B 43 -6.81 -1.51 28.08
C SER B 43 -8.00 -0.87 27.38
N PRO B 44 -8.22 0.43 27.60
CA PRO B 44 -9.24 1.17 26.85
C PRO B 44 -9.07 1.00 25.34
N LYS B 45 -10.18 1.01 24.61
CA LYS B 45 -10.14 0.77 23.16
C LYS B 45 -11.04 1.76 22.43
N LEU B 46 -10.44 2.70 21.71
CA LEU B 46 -11.19 3.69 20.95
C LEU B 46 -12.11 3.02 19.94
N LEU B 47 -13.40 3.34 20.02
CA LEU B 47 -14.40 2.80 19.11
C LEU B 47 -14.94 3.91 18.22
N ILE B 48 -15.15 5.08 18.81
CA ILE B 48 -15.75 6.21 18.11
C ILE B 48 -14.95 7.48 18.36
N TYR B 49 -14.86 8.32 17.34
CA TYR B 49 -14.26 9.64 17.45
C TYR B 49 -15.17 10.64 16.75
N SER B 50 -15.11 11.90 17.16
CA SER B 50 -15.96 12.93 16.61
C SER B 50 -17.43 12.51 16.66
N ALA B 51 -17.85 12.05 17.84
CA ALA B 51 -19.24 11.73 18.14
C ALA B 51 -19.77 10.47 17.45
N SER B 52 -19.60 10.36 16.14
CA SER B 52 -20.28 9.33 15.35
C SER B 52 -19.37 8.47 14.49
N TYR B 53 -18.15 8.93 14.24
CA TYR B 53 -17.27 8.23 13.29
C TYR B 53 -16.56 7.05 13.92
N ARG B 54 -16.66 5.90 13.26
CA ARG B 54 -16.02 4.67 13.72
C ARG B 54 -14.54 4.69 13.37
N TYR B 55 -13.72 4.23 14.31
CA TYR B 55 -12.29 4.12 14.08
C TYR B 55 -12.02 2.88 13.25
N THR B 56 -10.78 2.73 12.79
CA THR B 56 -10.40 1.62 11.92
C THR B 56 -10.47 0.29 12.67
N GLY B 57 -11.14 -0.70 12.07
CA GLY B 57 -11.22 -2.04 12.62
C GLY B 57 -12.43 -2.27 13.50
N VAL B 58 -13.23 -1.22 13.70
CA VAL B 58 -14.41 -1.31 14.57
C VAL B 58 -15.55 -2.04 13.85
N PRO B 59 -16.20 -3.00 14.52
CA PRO B 59 -17.34 -3.71 13.91
C PRO B 59 -18.46 -2.78 13.49
N ASP B 60 -19.41 -3.29 12.72
CA ASP B 60 -20.50 -2.47 12.20
C ASP B 60 -21.67 -2.38 13.18
N ARG B 61 -21.74 -3.31 14.12
CA ARG B 61 -22.87 -3.36 15.04
C ARG B 61 -22.77 -2.30 16.14
N PHE B 62 -21.62 -1.63 16.21
CA PHE B 62 -21.43 -0.51 17.14
C PHE B 62 -21.68 0.82 16.43
N THR B 63 -22.47 1.69 17.05
CA THR B 63 -22.73 3.02 16.49
C THR B 63 -22.98 4.04 17.60
N GLY B 64 -22.82 5.31 17.27
CA GLY B 64 -23.00 6.39 18.24
C GLY B 64 -23.57 7.62 17.58
N SER B 65 -24.26 8.45 18.37
CA SER B 65 -24.86 9.67 17.88
C SER B 65 -24.86 10.75 18.96
N GLY B 66 -25.11 12.00 18.54
CA GLY B 66 -25.21 13.11 19.46
C GLY B 66 -24.46 14.33 18.98
N SER B 67 -24.90 15.49 19.46
CA SER B 67 -24.23 16.75 19.13
C SER B 67 -24.53 17.79 20.20
N GLY B 68 -23.54 18.65 20.47
CA GLY B 68 -23.70 19.70 21.46
C GLY B 68 -23.46 19.19 22.87
N THR B 69 -24.51 18.66 23.50
CA THR B 69 -24.40 18.18 24.88
C THR B 69 -24.90 16.76 25.04
N ASP B 70 -25.98 16.42 24.35
CA ASP B 70 -26.57 15.09 24.48
C ASP B 70 -25.94 14.11 23.51
N PHE B 71 -25.40 13.02 24.04
CA PHE B 71 -24.72 12.02 23.23
C PHE B 71 -25.08 10.61 23.65
N THR B 72 -24.99 9.67 22.70
CA THR B 72 -25.40 8.30 22.93
C THR B 72 -24.52 7.31 22.19
N PHE B 73 -24.17 6.24 22.89
CA PHE B 73 -23.45 5.11 22.30
C PHE B 73 -24.43 3.96 22.19
N THR B 74 -24.27 3.15 21.14
CA THR B 74 -25.25 2.10 20.84
C THR B 74 -24.63 0.80 20.34
N ILE B 75 -25.24 -0.31 20.73
CA ILE B 75 -24.93 -1.62 20.16
C ILE B 75 -26.24 -2.27 19.70
N SER B 76 -26.32 -2.62 18.42
CA SER B 76 -27.54 -3.17 17.85
C SER B 76 -27.81 -4.58 18.37
N SER B 77 -26.76 -5.40 18.36
CA SER B 77 -26.85 -6.77 18.85
C SER B 77 -25.72 -7.07 19.81
N VAL B 78 -26.01 -7.03 21.10
CA VAL B 78 -25.01 -7.29 22.13
C VAL B 78 -24.52 -8.73 22.02
N GLN B 79 -23.20 -8.90 22.15
CA GLN B 79 -22.58 -10.21 22.15
C GLN B 79 -21.86 -10.43 23.47
N ALA B 80 -21.71 -11.70 23.85
CA ALA B 80 -21.07 -12.06 25.11
C ALA B 80 -19.74 -11.33 25.26
N GLU B 81 -19.04 -11.21 24.15
CA GLU B 81 -17.75 -10.53 24.12
C GLU B 81 -17.84 -9.04 24.40
N ASP B 82 -19.04 -8.47 24.28
CA ASP B 82 -19.20 -7.03 24.48
C ASP B 82 -19.12 -6.65 25.96
N LEU B 83 -18.93 -7.63 26.82
CA LEU B 83 -18.79 -7.38 28.25
C LEU B 83 -17.63 -6.44 28.53
N ALA B 84 -17.95 -5.19 28.89
CA ALA B 84 -16.94 -4.19 29.18
C ALA B 84 -17.53 -2.97 29.84
N VAL B 85 -16.65 -2.09 30.33
CA VAL B 85 -17.06 -0.76 30.76
C VAL B 85 -16.92 0.17 29.56
N TYR B 86 -17.76 1.19 29.49
CA TYR B 86 -17.73 2.10 28.36
C TYR B 86 -17.69 3.55 28.84
N TYR B 87 -16.74 4.31 28.31
CA TYR B 87 -16.54 5.69 28.71
C TYR B 87 -16.64 6.65 27.54
N CYS B 88 -17.37 7.74 27.72
CA CYS B 88 -17.32 8.85 26.78
C CYS B 88 -16.17 9.76 27.19
N GLN B 89 -15.68 10.55 26.24
CA GLN B 89 -14.67 11.55 26.54
C GLN B 89 -14.85 12.73 25.60
N GLN B 90 -14.61 13.93 26.10
CA GLN B 90 -14.69 15.11 25.27
C GLN B 90 -13.30 15.43 24.72
N HIS B 91 -13.24 15.75 23.44
CA HIS B 91 -11.99 16.19 22.82
C HIS B 91 -12.23 17.55 22.16
N TYR B 92 -12.70 18.48 22.99
CA TYR B 92 -13.15 19.79 22.53
C TYR B 92 -12.31 20.93 23.08
N SER B 93 -11.73 20.70 24.25
CA SER B 93 -11.00 21.75 24.97
C SER B 93 -10.17 21.15 26.10
N ILE B 94 -9.45 22.02 26.81
CA ILE B 94 -8.52 21.60 27.86
C ILE B 94 -9.08 21.89 29.24
N PRO B 95 -8.93 20.94 30.19
CA PRO B 95 -8.34 19.60 30.03
C PRO B 95 -9.34 18.60 29.46
N ARG B 96 -8.83 17.51 28.90
CA ARG B 96 -9.67 16.43 28.42
C ARG B 96 -10.31 15.73 29.60
N THR B 97 -11.53 15.25 29.42
CA THR B 97 -12.27 14.59 30.49
C THR B 97 -12.98 13.35 29.99
N PHE B 98 -13.33 12.47 30.92
CA PHE B 98 -14.07 11.25 30.60
C PHE B 98 -15.38 11.19 31.38
N GLY B 99 -16.29 10.35 30.93
CA GLY B 99 -17.51 10.10 31.66
C GLY B 99 -17.20 9.22 32.86
N GLY B 100 -18.17 9.07 33.75
CA GLY B 100 -17.99 8.23 34.92
C GLY B 100 -17.81 6.77 34.51
N GLY B 101 -18.61 6.35 33.53
CA GLY B 101 -18.58 4.98 33.05
C GLY B 101 -19.97 4.36 33.15
N THR B 102 -20.21 3.34 32.33
CA THR B 102 -21.47 2.61 32.34
C THR B 102 -21.21 1.13 32.16
N LYS B 103 -20.81 0.45 33.24
CA LYS B 103 -20.48 -0.96 33.21
C LYS B 103 -21.65 -1.78 32.69
N LEU B 104 -21.45 -2.44 31.56
CA LEU B 104 -22.54 -3.15 30.90
C LEU B 104 -22.62 -4.61 31.35
N GLU B 105 -23.84 -5.08 31.57
CA GLU B 105 -24.08 -6.46 31.99
C GLU B 105 -24.30 -7.36 30.77
N GLU C 109 34.08 -19.26 -18.54
CA GLU C 109 33.04 -19.45 -17.55
C GLU C 109 33.53 -20.31 -16.39
N VAL C 110 32.95 -20.07 -15.21
CA VAL C 110 33.27 -20.88 -14.03
C VAL C 110 32.41 -22.13 -14.01
N GLN C 111 33.01 -23.26 -13.66
CA GLN C 111 32.28 -24.53 -13.60
C GLN C 111 32.80 -25.43 -12.48
N LEU C 112 31.88 -26.05 -11.75
CA LEU C 112 32.23 -27.06 -10.76
C LEU C 112 31.55 -28.38 -11.10
N GLN C 113 32.26 -29.23 -11.82
CA GLN C 113 31.73 -30.53 -12.22
C GLN C 113 32.26 -31.64 -11.32
N GLN C 114 31.42 -32.13 -10.42
CA GLN C 114 31.79 -33.23 -9.54
C GLN C 114 31.67 -34.55 -10.28
N SER C 115 32.25 -35.60 -9.71
CA SER C 115 32.15 -36.93 -10.29
C SER C 115 30.70 -37.41 -10.25
N GLY C 116 30.41 -38.49 -10.95
CA GLY C 116 29.05 -39.00 -11.04
C GLY C 116 28.55 -39.53 -9.71
N PRO C 117 27.27 -39.92 -9.65
CA PRO C 117 26.68 -40.49 -8.44
C PRO C 117 27.39 -41.77 -7.99
N GLU C 118 27.17 -42.18 -6.74
CA GLU C 118 27.90 -43.31 -6.17
C GLU C 118 26.98 -44.28 -5.44
N LEU C 119 27.31 -45.56 -5.53
CA LEU C 119 26.60 -46.62 -4.81
C LEU C 119 27.61 -47.39 -3.96
N VAL C 120 27.42 -47.36 -2.65
CA VAL C 120 28.41 -47.90 -1.72
C VAL C 120 27.82 -48.79 -0.63
N LYS C 121 28.68 -49.56 0.01
CA LYS C 121 28.27 -50.44 1.10
C LYS C 121 28.45 -49.73 2.44
N PRO C 122 27.61 -50.05 3.44
CA PRO C 122 27.80 -49.47 4.77
C PRO C 122 29.19 -49.70 5.35
N GLY C 123 29.77 -48.67 5.95
CA GLY C 123 31.07 -48.77 6.60
C GLY C 123 32.23 -48.55 5.64
N ALA C 124 31.95 -48.61 4.34
CA ALA C 124 32.98 -48.48 3.32
C ALA C 124 33.41 -47.03 3.13
N SER C 125 34.23 -46.80 2.12
CA SER C 125 34.68 -45.46 1.78
C SER C 125 34.41 -45.11 0.33
N VAL C 126 34.26 -43.82 0.06
CA VAL C 126 34.09 -43.32 -1.28
C VAL C 126 34.80 -41.98 -1.35
N LYS C 127 35.21 -41.59 -2.55
CA LYS C 127 35.97 -40.37 -2.72
C LYS C 127 35.37 -39.51 -3.83
N ILE C 128 34.76 -38.40 -3.41
CA ILE C 128 34.01 -37.54 -4.32
C ILE C 128 34.85 -36.36 -4.77
N SER C 129 35.09 -36.27 -6.07
CA SER C 129 35.91 -35.21 -6.65
C SER C 129 35.06 -34.00 -7.02
N CYS C 130 35.73 -32.86 -7.20
CA CYS C 130 35.06 -31.63 -7.62
C CYS C 130 36.03 -30.75 -8.41
N LYS C 131 35.97 -30.84 -9.73
CA LYS C 131 36.87 -30.12 -10.62
C LYS C 131 36.43 -28.67 -10.77
N ALA C 132 37.37 -27.75 -10.59
CA ALA C 132 37.07 -26.32 -10.66
C ALA C 132 37.75 -25.66 -11.86
N SER C 133 37.04 -24.74 -12.51
CA SER C 133 37.55 -24.04 -13.69
C SER C 133 37.05 -22.60 -13.76
N GLY C 134 37.64 -21.80 -14.65
CA GLY C 134 37.14 -20.47 -14.93
C GLY C 134 37.65 -19.38 -14.00
N TYR C 135 38.39 -19.77 -12.96
CA TYR C 135 38.87 -18.79 -11.98
C TYR C 135 40.15 -19.22 -11.27
N THR C 136 40.65 -18.32 -10.42
CA THR C 136 41.85 -18.59 -9.63
C THR C 136 41.54 -19.56 -8.51
N PHE C 137 41.93 -20.82 -8.72
CA PHE C 137 41.59 -21.92 -7.83
C PHE C 137 42.05 -21.72 -6.38
N THR C 138 42.99 -20.81 -6.16
CA THR C 138 43.58 -20.63 -4.83
C THR C 138 43.23 -19.30 -4.16
N ASP C 139 42.32 -18.54 -4.77
CA ASP C 139 41.86 -17.28 -4.18
C ASP C 139 40.47 -17.43 -3.57
N TYR C 140 40.04 -18.67 -3.40
CA TYR C 140 38.71 -18.95 -2.86
C TYR C 140 38.68 -20.25 -2.06
N TYR C 141 37.93 -20.24 -0.95
CA TYR C 141 37.73 -21.44 -0.15
C TYR C 141 36.90 -22.44 -0.93
N MET C 142 37.07 -23.72 -0.60
CA MET C 142 36.26 -24.78 -1.19
C MET C 142 35.43 -25.48 -0.12
N ASN C 143 34.14 -25.22 -0.11
CA ASN C 143 33.24 -25.76 0.89
C ASN C 143 32.46 -26.96 0.37
N TRP C 144 31.99 -27.79 1.30
CA TRP C 144 31.12 -28.91 0.95
C TRP C 144 29.85 -28.84 1.79
N VAL C 145 28.73 -29.27 1.20
CA VAL C 145 27.44 -29.21 1.87
C VAL C 145 26.64 -30.49 1.64
N LYS C 146 26.00 -30.98 2.70
CA LYS C 146 25.16 -32.17 2.62
C LYS C 146 23.69 -31.80 2.57
N GLN C 147 22.95 -32.49 1.70
CA GLN C 147 21.50 -32.33 1.63
C GLN C 147 20.82 -33.68 1.43
N SER C 148 20.36 -34.27 2.52
CA SER C 148 19.64 -35.53 2.46
C SER C 148 18.37 -35.35 1.65
N HIS C 149 17.85 -36.47 1.14
CA HIS C 149 16.70 -36.44 0.24
C HIS C 149 15.53 -35.63 0.79
N GLY C 150 15.37 -34.43 0.25
CA GLY C 150 14.28 -33.55 0.62
C GLY C 150 14.45 -32.94 2.00
N LYS C 151 15.71 -32.65 2.36
CA LYS C 151 16.00 -32.03 3.66
C LYS C 151 16.69 -30.68 3.50
N SER C 152 16.96 -30.04 4.63
CA SER C 152 17.57 -28.72 4.62
C SER C 152 19.04 -28.79 4.25
N LEU C 153 19.68 -27.62 4.15
CA LEU C 153 21.10 -27.54 3.83
C LEU C 153 21.93 -27.60 5.10
N GLU C 154 23.02 -28.37 5.06
CA GLU C 154 23.89 -28.53 6.21
C GLU C 154 25.36 -28.44 5.80
N TRP C 155 25.97 -27.29 6.11
CA TRP C 155 27.37 -27.04 5.77
C TRP C 155 28.29 -27.99 6.52
N ILE C 156 29.23 -28.57 5.79
CA ILE C 156 30.16 -29.55 6.36
C ILE C 156 31.46 -28.88 6.79
N GLY C 157 32.24 -28.42 5.81
CA GLY C 157 33.52 -27.82 6.09
C GLY C 157 34.18 -27.19 4.88
N ASN C 158 35.19 -26.36 5.11
CA ASN C 158 35.94 -25.75 4.02
C ASN C 158 37.43 -26.11 4.08
N ILE C 159 38.06 -26.08 2.92
CA ILE C 159 39.50 -26.32 2.81
C ILE C 159 40.15 -25.15 2.11
N ASN C 160 41.41 -24.88 2.47
CA ASN C 160 42.18 -23.81 1.84
C ASN C 160 43.12 -24.41 0.81
N PRO C 161 42.80 -24.26 -0.49
CA PRO C 161 43.65 -24.87 -1.51
C PRO C 161 45.08 -24.33 -1.42
N ASN C 162 45.20 -23.08 -1.02
CA ASN C 162 46.49 -22.41 -0.96
C ASN C 162 47.49 -23.14 -0.08
N ASN C 163 47.00 -23.80 0.97
CA ASN C 163 47.88 -24.49 1.91
C ASN C 163 47.28 -25.76 2.51
N GLY C 164 46.13 -26.18 2.00
CA GLY C 164 45.50 -27.40 2.45
C GLY C 164 44.91 -27.32 3.84
N GLY C 165 44.87 -26.12 4.41
CA GLY C 165 44.30 -25.94 5.74
C GLY C 165 42.80 -26.19 5.71
N THR C 166 42.28 -26.85 6.75
CA THR C 166 40.88 -27.24 6.79
C THR C 166 40.14 -26.74 8.03
N SER C 167 38.82 -26.64 7.90
CA SER C 167 37.94 -26.30 9.01
C SER C 167 36.67 -27.12 8.87
N TYR C 168 36.26 -27.76 9.97
CA TYR C 168 35.14 -28.72 9.92
C TYR C 168 33.97 -28.31 10.80
N ASN C 169 32.78 -28.80 10.44
CA ASN C 169 31.63 -28.78 11.33
C ASN C 169 31.79 -29.93 12.32
N GLN C 170 31.74 -29.62 13.60
CA GLN C 170 32.14 -30.56 14.65
C GLN C 170 31.38 -31.87 14.59
N LYS C 171 30.23 -31.86 13.91
CA LYS C 171 29.42 -33.05 13.74
C LYS C 171 30.11 -34.07 12.83
N PHE C 172 30.91 -33.58 11.90
CA PHE C 172 31.48 -34.42 10.85
C PHE C 172 32.96 -34.76 11.07
N LYS C 173 33.46 -34.49 12.27
CA LYS C 173 34.84 -34.82 12.62
C LYS C 173 35.07 -36.32 12.56
N GLY C 174 36.09 -36.74 11.80
CA GLY C 174 36.42 -38.15 11.65
C GLY C 174 35.66 -38.79 10.51
N LYS C 175 34.42 -38.35 10.31
CA LYS C 175 33.58 -38.87 9.24
C LYS C 175 34.13 -38.46 7.89
N ALA C 176 34.59 -37.22 7.80
CA ALA C 176 35.02 -36.63 6.53
C ALA C 176 36.50 -36.27 6.54
N THR C 177 37.09 -36.26 5.35
CA THR C 177 38.49 -35.84 5.17
C THR C 177 38.63 -34.96 3.94
N LEU C 178 38.89 -33.67 4.16
CA LEU C 178 39.01 -32.73 3.07
C LEU C 178 40.41 -32.78 2.46
N THR C 179 40.47 -33.13 1.17
CA THR C 179 41.73 -33.17 0.44
C THR C 179 41.58 -32.42 -0.89
N VAL C 180 42.70 -32.03 -1.47
CA VAL C 180 42.70 -31.21 -2.68
C VAL C 180 43.94 -31.49 -3.53
N ASP C 181 43.84 -31.21 -4.82
CA ASP C 181 44.97 -31.33 -5.74
C ASP C 181 45.07 -30.10 -6.63
N LYS C 182 45.90 -29.15 -6.21
CA LYS C 182 46.08 -27.89 -6.95
C LYS C 182 46.47 -28.14 -8.41
N SER C 183 47.33 -29.13 -8.62
CA SER C 183 47.87 -29.41 -9.95
C SER C 183 46.74 -29.72 -10.95
N SER C 184 45.68 -30.35 -10.47
CA SER C 184 44.52 -30.66 -11.29
C SER C 184 43.31 -29.82 -10.89
N THR C 185 43.53 -28.85 -9.99
CA THR C 185 42.48 -27.95 -9.52
C THR C 185 41.19 -28.70 -9.15
N THR C 186 41.36 -29.88 -8.57
CA THR C 186 40.23 -30.72 -8.18
C THR C 186 40.22 -30.88 -6.67
N ALA C 187 39.07 -30.63 -6.06
CA ALA C 187 38.88 -30.86 -4.62
C ALA C 187 38.19 -32.19 -4.42
N TYR C 188 38.60 -32.92 -3.38
CA TYR C 188 38.11 -34.26 -3.17
C TYR C 188 37.44 -34.40 -1.80
N MET C 189 36.64 -35.45 -1.66
CA MET C 189 35.88 -35.66 -0.44
C MET C 189 35.74 -37.14 -0.14
N GLU C 190 36.45 -37.62 0.89
CA GLU C 190 36.38 -39.02 1.28
C GLU C 190 35.63 -39.20 2.60
N LEU C 191 34.67 -40.10 2.60
CA LEU C 191 33.84 -40.36 3.78
C LEU C 191 34.10 -41.77 4.33
N ARG C 192 34.10 -41.89 5.65
CA ARG C 192 34.40 -43.15 6.31
C ARG C 192 33.24 -43.61 7.19
N SER C 193 33.18 -44.91 7.47
CA SER C 193 32.15 -45.49 8.34
C SER C 193 30.75 -45.15 7.86
N LEU C 194 30.45 -45.48 6.60
CA LEU C 194 29.21 -45.08 5.98
C LEU C 194 28.00 -45.84 6.49
N THR C 195 26.88 -45.13 6.61
CA THR C 195 25.59 -45.73 6.95
C THR C 195 24.51 -45.16 6.05
N SER C 196 23.31 -45.73 6.13
CA SER C 196 22.19 -45.27 5.33
C SER C 196 21.84 -43.83 5.65
N GLU C 197 22.24 -43.39 6.84
CA GLU C 197 22.05 -42.00 7.24
C GLU C 197 22.91 -41.07 6.40
N ASP C 198 23.93 -41.64 5.77
CA ASP C 198 24.85 -40.87 4.93
C ASP C 198 24.41 -40.87 3.47
N SER C 199 23.49 -41.75 3.13
CA SER C 199 22.90 -41.74 1.79
C SER C 199 22.21 -40.41 1.53
N ALA C 200 22.84 -39.58 0.70
CA ALA C 200 22.34 -38.24 0.45
C ALA C 200 22.97 -37.63 -0.78
N VAL C 201 22.52 -36.43 -1.16
CA VAL C 201 23.13 -35.68 -2.25
C VAL C 201 24.12 -34.68 -1.69
N TYR C 202 25.38 -34.82 -2.06
CA TYR C 202 26.44 -33.98 -1.52
C TYR C 202 26.90 -32.97 -2.56
N TYR C 203 27.10 -31.73 -2.10
CA TYR C 203 27.42 -30.62 -2.99
C TYR C 203 28.71 -29.92 -2.61
N CYS C 204 29.68 -29.94 -3.52
CA CYS C 204 30.88 -29.13 -3.39
C CYS C 204 30.53 -27.71 -3.83
N THR C 205 30.90 -26.72 -3.02
CA THR C 205 30.57 -25.34 -3.32
C THR C 205 31.62 -24.36 -2.83
N ARG C 206 31.90 -23.36 -3.67
CA ARG C 206 32.96 -22.40 -3.42
C ARG C 206 32.42 -21.18 -2.68
N SER C 207 33.26 -20.61 -1.81
CA SER C 207 32.91 -19.39 -1.10
C SER C 207 34.09 -18.42 -1.03
N PRO C 208 33.87 -17.15 -1.43
CA PRO C 208 34.94 -16.18 -1.26
C PRO C 208 35.19 -15.84 0.20
N VAL C 209 36.36 -15.28 0.48
CA VAL C 209 36.71 -14.86 1.83
C VAL C 209 35.91 -13.61 2.19
N ARG C 210 35.72 -12.74 1.20
CA ARG C 210 34.96 -11.52 1.40
C ARG C 210 34.48 -10.96 0.06
N PRO C 211 33.16 -10.76 -0.10
CA PRO C 211 32.08 -11.03 0.86
C PRO C 211 31.82 -12.53 0.99
N TYR C 212 31.18 -12.92 2.09
CA TYR C 212 31.03 -14.34 2.41
C TYR C 212 29.72 -14.90 1.85
N TYR C 213 29.82 -15.89 0.97
CA TYR C 213 28.65 -16.60 0.48
C TYR C 213 29.03 -17.74 -0.45
N PHE C 214 28.07 -18.58 -0.79
CA PHE C 214 28.28 -19.65 -1.75
C PHE C 214 27.78 -19.24 -3.14
N ASP C 215 28.68 -18.71 -3.95
CA ASP C 215 28.31 -18.11 -5.24
C ASP C 215 28.11 -19.15 -6.33
N TYR C 216 28.64 -20.35 -6.16
CA TYR C 216 28.24 -21.46 -7.03
C TYR C 216 28.56 -22.83 -6.44
N TRP C 217 27.85 -23.83 -6.96
CA TRP C 217 27.82 -25.17 -6.38
C TRP C 217 28.01 -26.24 -7.46
N GLY C 218 28.28 -27.46 -7.02
CA GLY C 218 28.43 -28.56 -7.96
C GLY C 218 27.10 -28.91 -8.61
N GLN C 219 27.16 -29.78 -9.62
CA GLN C 219 25.96 -30.21 -10.33
C GLN C 219 25.11 -31.14 -9.48
N GLY C 220 25.78 -31.88 -8.61
CA GLY C 220 25.11 -32.83 -7.74
C GLY C 220 25.75 -34.20 -7.79
N THR C 221 25.89 -34.81 -6.63
CA THR C 221 26.38 -36.18 -6.51
C THR C 221 25.41 -37.00 -5.66
N THR C 222 24.68 -37.89 -6.31
CA THR C 222 23.67 -38.69 -5.64
C THR C 222 24.28 -39.96 -5.04
N LEU C 223 24.59 -39.92 -3.75
CA LEU C 223 25.21 -41.05 -3.06
C LEU C 223 24.15 -41.91 -2.35
N THR C 224 24.33 -43.23 -2.44
CA THR C 224 23.42 -44.18 -1.81
C THR C 224 24.21 -45.28 -1.10
N VAL C 225 24.13 -45.28 0.23
CA VAL C 225 24.81 -46.28 1.03
C VAL C 225 23.92 -47.51 1.23
N SER C 226 24.25 -48.58 0.52
CA SER C 226 23.48 -49.83 0.58
C SER C 226 24.39 -51.04 0.47
N ASP D 1 26.27 -22.83 18.05
CA ASP D 1 25.84 -22.49 16.66
C ASP D 1 24.64 -21.55 16.68
N ILE D 2 24.47 -20.79 15.59
CA ILE D 2 23.28 -19.96 15.41
C ILE D 2 22.25 -20.78 14.66
N VAL D 3 21.00 -20.74 15.13
CA VAL D 3 19.93 -21.51 14.52
C VAL D 3 19.06 -20.62 13.64
N MET D 4 19.15 -20.80 12.33
CA MET D 4 18.30 -20.08 11.40
C MET D 4 16.97 -20.80 11.27
N THR D 5 15.88 -20.07 11.49
CA THR D 5 14.54 -20.66 11.49
C THR D 5 13.63 -19.99 10.48
N GLN D 6 13.22 -20.76 9.49
CA GLN D 6 12.20 -20.33 8.54
C GLN D 6 10.91 -21.07 8.90
N SER D 7 10.08 -20.39 9.69
CA SER D 7 8.95 -21.03 10.37
C SER D 7 7.97 -21.75 9.45
N HIS D 8 8.09 -21.51 8.14
CA HIS D 8 7.20 -22.13 7.16
C HIS D 8 7.92 -23.08 6.21
N LYS D 9 7.70 -24.37 6.40
CA LYS D 9 8.30 -25.37 5.50
C LYS D 9 7.70 -25.23 4.11
N PHE D 10 6.49 -24.70 4.04
CA PHE D 10 5.81 -24.47 2.77
C PHE D 10 5.13 -23.12 2.75
N MET D 11 5.02 -22.55 1.55
CA MET D 11 4.27 -21.32 1.34
C MET D 11 3.66 -21.36 -0.05
N SER D 12 2.34 -21.22 -0.13
CA SER D 12 1.64 -21.28 -1.40
C SER D 12 1.33 -19.88 -1.91
N THR D 13 1.50 -19.67 -3.21
CA THR D 13 1.21 -18.40 -3.84
C THR D 13 0.60 -18.61 -5.22
N SER D 14 0.31 -17.49 -5.90
CA SER D 14 -0.19 -17.54 -7.26
C SER D 14 0.68 -16.65 -8.15
N VAL D 15 0.44 -16.73 -9.46
CA VAL D 15 1.18 -15.93 -10.42
C VAL D 15 0.93 -14.44 -10.20
N GLY D 16 2.01 -13.67 -10.16
CA GLY D 16 1.93 -12.23 -10.08
C GLY D 16 1.84 -11.69 -8.66
N ASP D 17 1.64 -12.58 -7.69
CA ASP D 17 1.49 -12.17 -6.30
C ASP D 17 2.81 -11.77 -5.67
N ARG D 18 2.73 -11.07 -4.54
CA ARG D 18 3.89 -10.68 -3.75
C ARG D 18 4.04 -11.63 -2.58
N VAL D 19 5.28 -12.00 -2.25
CA VAL D 19 5.55 -12.96 -1.18
C VAL D 19 6.71 -12.48 -0.31
N SER D 20 6.61 -12.73 0.99
CA SER D 20 7.68 -12.41 1.92
C SER D 20 8.06 -13.62 2.77
N ILE D 21 9.26 -14.15 2.56
CA ILE D 21 9.74 -15.30 3.30
C ILE D 21 10.62 -14.85 4.45
N THR D 22 10.31 -15.35 5.65
CA THR D 22 11.00 -14.92 6.85
C THR D 22 12.05 -15.92 7.32
N CYS D 23 13.10 -15.39 7.94
CA CYS D 23 14.10 -16.22 8.59
C CYS D 23 14.46 -15.60 9.94
N LYS D 24 14.73 -16.46 10.92
CA LYS D 24 14.99 -16.00 12.29
C LYS D 24 16.27 -16.61 12.85
N ALA D 25 17.17 -15.76 13.33
CA ALA D 25 18.44 -16.19 13.90
C ALA D 25 18.31 -16.38 15.41
N SER D 26 18.95 -17.42 15.93
CA SER D 26 18.88 -17.72 17.36
C SER D 26 19.55 -16.62 18.19
N GLN D 27 20.25 -15.72 17.51
CA GLN D 27 20.92 -14.62 18.19
C GLN D 27 21.17 -13.46 17.23
N ASP D 28 21.71 -12.36 17.78
CA ASP D 28 22.03 -11.19 16.96
C ASP D 28 23.12 -11.55 15.96
N VAL D 29 22.74 -11.53 14.69
CA VAL D 29 23.66 -11.84 13.60
C VAL D 29 23.95 -10.59 12.78
N SER D 30 23.44 -9.45 13.24
CA SER D 30 23.64 -8.18 12.57
C SER D 30 23.08 -8.21 11.15
N THR D 31 23.93 -8.00 10.15
CA THR D 31 23.51 -8.00 8.75
C THR D 31 23.99 -9.26 8.05
N ALA D 32 24.72 -10.09 8.78
CA ALA D 32 25.34 -11.27 8.19
C ALA D 32 24.31 -12.37 7.90
N VAL D 33 23.56 -12.20 6.82
CA VAL D 33 22.65 -13.24 6.36
C VAL D 33 22.59 -13.26 4.84
N ALA D 34 22.48 -14.45 4.27
CA ALA D 34 22.39 -14.62 2.83
C ALA D 34 21.21 -15.51 2.48
N TRP D 35 20.73 -15.41 1.25
CA TRP D 35 19.57 -16.17 0.80
C TRP D 35 19.89 -16.96 -0.47
N TYR D 36 19.27 -18.12 -0.60
CA TYR D 36 19.52 -19.00 -1.73
C TYR D 36 18.24 -19.60 -2.29
N GLN D 37 18.26 -19.94 -3.58
CA GLN D 37 17.13 -20.54 -4.27
C GLN D 37 17.52 -21.89 -4.87
N GLN D 38 16.91 -22.96 -4.38
CA GLN D 38 17.18 -24.30 -4.87
C GLN D 38 16.03 -24.87 -5.68
N LYS D 39 16.25 -25.02 -6.98
CA LYS D 39 15.25 -25.60 -7.86
C LYS D 39 15.37 -27.12 -7.86
N PRO D 40 14.29 -27.82 -8.27
CA PRO D 40 14.29 -29.29 -8.31
C PRO D 40 15.45 -29.89 -9.09
N GLY D 41 16.25 -30.71 -8.41
CA GLY D 41 17.37 -31.37 -9.04
C GLY D 41 18.55 -30.44 -9.28
N GLN D 42 18.39 -29.18 -8.90
CA GLN D 42 19.42 -28.17 -9.12
C GLN D 42 20.04 -27.74 -7.80
N SER D 43 21.05 -26.87 -7.89
CA SER D 43 21.77 -26.39 -6.72
C SER D 43 21.36 -24.98 -6.35
N PRO D 44 21.55 -24.59 -5.08
CA PRO D 44 21.28 -23.22 -4.62
C PRO D 44 21.93 -22.16 -5.49
N LYS D 45 21.25 -21.02 -5.63
CA LYS D 45 21.72 -19.91 -6.44
C LYS D 45 21.63 -18.64 -5.61
N LEU D 46 22.77 -18.05 -5.28
CA LEU D 46 22.81 -16.87 -4.43
C LEU D 46 22.03 -15.71 -5.04
N LEU D 47 21.03 -15.22 -4.30
CA LEU D 47 20.20 -14.12 -4.74
C LEU D 47 20.48 -12.86 -3.93
N ILE D 48 20.60 -13.04 -2.61
CA ILE D 48 20.86 -11.93 -1.70
C ILE D 48 21.98 -12.27 -0.72
N TYR D 49 22.81 -11.27 -0.43
CA TYR D 49 23.86 -11.40 0.58
C TYR D 49 23.87 -10.14 1.43
N SER D 50 24.33 -10.29 2.67
CA SER D 50 24.34 -9.18 3.62
C SER D 50 22.95 -8.56 3.72
N ALA D 51 21.95 -9.41 3.93
CA ALA D 51 20.58 -9.01 4.20
C ALA D 51 19.82 -8.44 3.00
N SER D 52 20.44 -7.53 2.23
CA SER D 52 19.71 -6.78 1.22
C SER D 52 20.38 -6.71 -0.16
N TYR D 53 21.68 -6.95 -0.22
CA TYR D 53 22.42 -6.77 -1.47
C TYR D 53 22.21 -7.92 -2.44
N ARG D 54 21.78 -7.59 -3.65
CA ARG D 54 21.60 -8.59 -4.70
C ARG D 54 22.95 -9.06 -5.24
N TYR D 55 23.00 -10.33 -5.64
CA TYR D 55 24.18 -10.88 -6.29
C TYR D 55 24.13 -10.55 -7.77
N THR D 56 25.23 -10.79 -8.47
CA THR D 56 25.31 -10.51 -9.90
C THR D 56 24.33 -11.38 -10.70
N GLY D 57 23.60 -10.76 -11.61
CA GLY D 57 22.72 -11.48 -12.51
C GLY D 57 21.34 -11.75 -11.92
N VAL D 58 21.13 -11.29 -10.69
CA VAL D 58 19.86 -11.49 -10.00
C VAL D 58 18.82 -10.48 -10.48
N PRO D 59 17.59 -10.94 -10.77
CA PRO D 59 16.53 -10.01 -11.18
C PRO D 59 16.23 -8.94 -10.12
N ASP D 60 15.46 -7.93 -10.50
CA ASP D 60 15.17 -6.82 -9.60
C ASP D 60 13.94 -7.10 -8.73
N ARG D 61 13.17 -8.12 -9.08
CA ARG D 61 11.96 -8.44 -8.33
C ARG D 61 12.29 -9.11 -7.00
N PHE D 62 13.55 -9.54 -6.86
CA PHE D 62 14.00 -10.20 -5.64
C PHE D 62 14.66 -9.22 -4.68
N THR D 63 14.18 -9.18 -3.45
CA THR D 63 14.77 -8.34 -2.41
C THR D 63 14.66 -8.99 -1.04
N GLY D 64 15.50 -8.54 -0.11
CA GLY D 64 15.48 -9.04 1.25
C GLY D 64 15.67 -7.92 2.25
N SER D 65 15.19 -8.13 3.48
CA SER D 65 15.25 -7.11 4.51
C SER D 65 15.45 -7.72 5.89
N GLY D 66 16.02 -6.93 6.79
CA GLY D 66 16.25 -7.38 8.16
C GLY D 66 17.62 -7.01 8.68
N SER D 67 17.71 -6.90 10.00
CA SER D 67 18.96 -6.59 10.67
C SER D 67 18.95 -7.14 12.09
N GLY D 68 20.12 -7.55 12.58
CA GLY D 68 20.24 -8.06 13.93
C GLY D 68 19.78 -9.50 14.07
N THR D 69 18.46 -9.69 14.18
CA THR D 69 17.89 -11.00 14.47
C THR D 69 16.76 -11.38 13.51
N ASP D 70 15.94 -10.39 13.14
CA ASP D 70 14.79 -10.63 12.28
C ASP D 70 15.13 -10.35 10.82
N PHE D 71 14.77 -11.27 9.94
CA PHE D 71 15.10 -11.16 8.52
C PHE D 71 14.00 -11.66 7.60
N THR D 72 13.91 -11.05 6.44
CA THR D 72 12.86 -11.36 5.48
C THR D 72 13.37 -11.34 4.05
N PHE D 73 13.00 -12.36 3.30
CA PHE D 73 13.25 -12.41 1.87
C PHE D 73 11.94 -12.09 1.17
N THR D 74 12.02 -11.45 0.01
CA THR D 74 10.82 -10.95 -0.66
C THR D 74 10.93 -10.99 -2.18
N ILE D 75 9.83 -11.40 -2.82
CA ILE D 75 9.72 -11.38 -4.28
C ILE D 75 8.48 -10.58 -4.67
N SER D 76 8.67 -9.55 -5.48
CA SER D 76 7.60 -8.61 -5.78
C SER D 76 6.50 -9.21 -6.64
N SER D 77 6.88 -9.94 -7.69
CA SER D 77 5.92 -10.58 -8.58
C SER D 77 6.37 -11.98 -8.96
N VAL D 78 5.72 -12.97 -8.37
CA VAL D 78 6.10 -14.36 -8.58
C VAL D 78 5.86 -14.80 -10.02
N GLN D 79 6.87 -15.46 -10.60
CA GLN D 79 6.75 -16.07 -11.92
C GLN D 79 6.84 -17.58 -11.79
N ALA D 80 6.37 -18.28 -12.83
CA ALA D 80 6.33 -19.74 -12.82
C ALA D 80 7.69 -20.34 -12.51
N GLU D 81 8.73 -19.73 -13.07
CA GLU D 81 10.09 -20.22 -12.92
C GLU D 81 10.61 -20.09 -11.49
N ASP D 82 9.84 -19.42 -10.63
CA ASP D 82 10.27 -19.20 -9.26
C ASP D 82 10.11 -20.45 -8.40
N LEU D 83 9.45 -21.47 -8.94
CA LEU D 83 9.24 -22.73 -8.23
C LEU D 83 10.55 -23.29 -7.71
N ALA D 84 10.76 -23.20 -6.40
CA ALA D 84 12.02 -23.60 -5.79
C ALA D 84 11.95 -23.51 -4.27
N VAL D 85 12.88 -24.19 -3.61
CA VAL D 85 13.04 -24.07 -2.16
C VAL D 85 13.96 -22.90 -1.87
N TYR D 86 13.73 -22.21 -0.76
CA TYR D 86 14.54 -21.04 -0.41
C TYR D 86 15.11 -21.19 0.99
N TYR D 87 16.44 -21.07 1.08
CA TYR D 87 17.15 -21.20 2.35
C TYR D 87 17.83 -19.89 2.74
N CYS D 88 17.84 -19.61 4.04
CA CYS D 88 18.62 -18.51 4.58
C CYS D 88 19.93 -19.07 5.14
N GLN D 89 20.85 -18.19 5.52
CA GLN D 89 22.14 -18.63 6.05
C GLN D 89 22.93 -17.48 6.65
N GLN D 90 23.49 -17.72 7.83
CA GLN D 90 24.32 -16.72 8.51
C GLN D 90 25.80 -16.92 8.19
N HIS D 91 26.50 -15.83 7.90
CA HIS D 91 27.94 -15.86 7.69
C HIS D 91 28.63 -15.03 8.76
N TYR D 92 28.19 -15.21 10.01
CA TYR D 92 28.65 -14.41 11.13
C TYR D 92 29.67 -15.15 11.99
N SER D 93 29.55 -16.48 12.04
CA SER D 93 30.46 -17.30 12.84
C SER D 93 30.45 -18.77 12.41
N ILE D 94 31.35 -19.54 13.01
CA ILE D 94 31.53 -20.95 12.67
C ILE D 94 30.78 -21.84 13.66
N PRO D 95 30.12 -22.91 13.17
CA PRO D 95 29.98 -23.32 11.76
C PRO D 95 28.88 -22.53 11.04
N ARG D 96 28.89 -22.60 9.72
CA ARG D 96 27.82 -21.99 8.93
C ARG D 96 26.55 -22.83 9.07
N THR D 97 25.42 -22.15 9.19
CA THR D 97 24.14 -22.81 9.41
C THR D 97 23.07 -22.28 8.47
N PHE D 98 22.11 -23.13 8.11
CA PHE D 98 21.05 -22.76 7.18
C PHE D 98 19.66 -22.84 7.82
N GLY D 99 18.70 -22.15 7.21
CA GLY D 99 17.32 -22.30 7.60
C GLY D 99 16.79 -23.62 7.08
N GLY D 100 15.63 -24.04 7.59
CA GLY D 100 15.06 -25.31 7.20
C GLY D 100 14.68 -25.36 5.72
N GLY D 101 14.16 -24.24 5.22
CA GLY D 101 13.72 -24.16 3.84
C GLY D 101 12.23 -23.88 3.78
N THR D 102 11.81 -23.19 2.73
CA THR D 102 10.42 -22.79 2.56
C THR D 102 9.96 -23.03 1.13
N LYS D 103 9.66 -24.28 0.78
CA LYS D 103 9.30 -24.62 -0.59
C LYS D 103 8.03 -23.92 -1.02
N LEU D 104 8.13 -23.16 -2.11
CA LEU D 104 7.01 -22.36 -2.57
C LEU D 104 6.15 -23.14 -3.57
N GLU D 105 4.84 -22.98 -3.46
CA GLU D 105 3.89 -23.68 -4.32
C GLU D 105 3.30 -22.74 -5.38
N ASP E 1 -31.57 -6.05 -30.42
CA ASP E 1 -30.41 -5.89 -29.50
C ASP E 1 -30.70 -6.49 -28.13
N ILE E 2 -29.68 -7.09 -27.53
CA ILE E 2 -29.79 -7.64 -26.18
C ILE E 2 -29.37 -6.56 -25.21
N VAL E 3 -30.08 -6.46 -24.09
CA VAL E 3 -29.87 -5.37 -23.14
C VAL E 3 -29.32 -5.85 -21.79
N MET E 4 -28.09 -5.48 -21.50
CA MET E 4 -27.48 -5.78 -20.21
C MET E 4 -27.89 -4.73 -19.20
N THR E 5 -28.26 -5.18 -18.00
CA THR E 5 -28.80 -4.28 -16.98
C THR E 5 -28.11 -4.45 -15.64
N GLN E 6 -27.54 -3.35 -15.16
CA GLN E 6 -27.02 -3.27 -13.80
C GLN E 6 -27.87 -2.25 -13.06
N SER E 7 -28.96 -2.74 -12.47
CA SER E 7 -29.96 -1.90 -11.83
C SER E 7 -29.36 -0.90 -10.85
N HIS E 8 -28.20 -1.24 -10.31
CA HIS E 8 -27.49 -0.36 -9.40
C HIS E 8 -26.45 0.47 -10.15
N LYS E 9 -26.48 1.78 -9.93
CA LYS E 9 -25.48 2.68 -10.47
C LYS E 9 -24.38 2.92 -9.45
N PHE E 10 -24.63 2.50 -8.21
CA PHE E 10 -23.65 2.57 -7.13
C PHE E 10 -23.72 1.31 -6.28
N MET E 11 -22.78 1.18 -5.34
CA MET E 11 -22.81 0.08 -4.39
C MET E 11 -21.83 0.37 -3.27
N SER E 12 -22.34 0.51 -2.05
CA SER E 12 -21.50 0.85 -0.91
C SER E 12 -20.94 -0.40 -0.25
N THR E 13 -19.69 -0.30 0.19
CA THR E 13 -19.05 -1.39 0.91
C THR E 13 -17.96 -0.83 1.81
N SER E 14 -17.33 -1.69 2.62
CA SER E 14 -16.15 -1.31 3.37
C SER E 14 -14.98 -2.15 2.89
N VAL E 15 -13.77 -1.66 3.09
CA VAL E 15 -12.58 -2.39 2.67
C VAL E 15 -12.53 -3.73 3.38
N GLY E 16 -12.25 -4.78 2.62
CA GLY E 16 -12.15 -6.12 3.16
C GLY E 16 -13.47 -6.86 3.18
N ASP E 17 -14.55 -6.14 2.86
CA ASP E 17 -15.87 -6.76 2.83
C ASP E 17 -16.10 -7.54 1.54
N ARG E 18 -16.85 -8.63 1.63
CA ARG E 18 -17.27 -9.37 0.45
C ARG E 18 -18.41 -8.62 -0.21
N VAL E 19 -18.41 -8.61 -1.55
CA VAL E 19 -19.42 -7.88 -2.30
C VAL E 19 -19.69 -8.53 -3.64
N SER E 20 -20.95 -8.46 -4.08
CA SER E 20 -21.34 -8.95 -5.39
C SER E 20 -22.07 -7.86 -6.17
N ILE E 21 -22.06 -7.97 -7.50
CA ILE E 21 -22.75 -7.02 -8.37
C ILE E 21 -23.56 -7.78 -9.41
N THR E 22 -24.77 -7.30 -9.66
CA THR E 22 -25.72 -7.99 -10.52
C THR E 22 -25.74 -7.47 -11.94
N CYS E 23 -25.87 -8.39 -12.89
CA CYS E 23 -26.03 -8.04 -14.29
C CYS E 23 -27.14 -8.89 -14.89
N LYS E 24 -28.12 -8.24 -15.50
CA LYS E 24 -29.28 -8.93 -16.05
C LYS E 24 -29.37 -8.73 -17.56
N ALA E 25 -29.55 -9.85 -18.28
CA ALA E 25 -29.66 -9.83 -19.73
C ALA E 25 -31.13 -9.75 -20.15
N SER E 26 -31.38 -9.25 -21.36
CA SER E 26 -32.74 -9.16 -21.88
C SER E 26 -33.16 -10.51 -22.45
N GLN E 27 -32.18 -11.31 -22.83
CA GLN E 27 -32.42 -12.66 -23.34
C GLN E 27 -31.35 -13.62 -22.84
N ASP E 28 -31.55 -14.91 -23.09
CA ASP E 28 -30.59 -15.94 -22.67
C ASP E 28 -29.34 -15.91 -23.54
N VAL E 29 -28.21 -15.56 -22.92
CA VAL E 29 -26.95 -15.43 -23.65
C VAL E 29 -25.92 -16.49 -23.26
N SER E 30 -26.35 -17.45 -22.44
CA SER E 30 -25.49 -18.54 -22.01
C SER E 30 -24.26 -18.03 -21.27
N THR E 31 -23.13 -18.72 -21.43
CA THR E 31 -21.89 -18.37 -20.74
C THR E 31 -21.22 -17.18 -21.40
N ALA E 32 -21.76 -16.73 -22.53
CA ALA E 32 -21.13 -15.65 -23.28
C ALA E 32 -21.26 -14.32 -22.57
N VAL E 33 -20.58 -14.18 -21.43
CA VAL E 33 -20.59 -12.93 -20.67
C VAL E 33 -19.19 -12.54 -20.21
N ALA E 34 -18.85 -11.26 -20.35
CA ALA E 34 -17.56 -10.73 -19.91
C ALA E 34 -17.75 -9.62 -18.89
N TRP E 35 -16.74 -9.40 -18.06
CA TRP E 35 -16.75 -8.32 -17.06
C TRP E 35 -15.52 -7.45 -17.20
N TYR E 36 -15.69 -6.14 -16.98
CA TYR E 36 -14.60 -5.19 -17.12
C TYR E 36 -14.56 -4.18 -15.97
N GLN E 37 -13.36 -3.67 -15.69
CA GLN E 37 -13.14 -2.70 -14.61
C GLN E 37 -12.56 -1.40 -15.16
N GLN E 38 -13.31 -0.31 -15.03
CA GLN E 38 -12.85 1.00 -15.45
C GLN E 38 -12.60 1.92 -14.26
N LYS E 39 -11.33 2.18 -13.96
CA LYS E 39 -10.98 3.14 -12.93
C LYS E 39 -11.11 4.55 -13.50
N PRO E 40 -11.31 5.55 -12.63
CA PRO E 40 -11.47 6.93 -13.08
C PRO E 40 -10.31 7.43 -13.94
N GLY E 41 -10.63 7.84 -15.17
CA GLY E 41 -9.63 8.38 -16.08
C GLY E 41 -8.69 7.33 -16.63
N GLN E 42 -9.18 6.10 -16.73
CA GLN E 42 -8.41 5.00 -17.33
C GLN E 42 -9.25 4.23 -18.33
N SER E 43 -8.62 3.23 -18.96
CA SER E 43 -9.31 2.32 -19.85
C SER E 43 -9.90 1.17 -19.02
N PRO E 44 -10.95 0.51 -19.54
CA PRO E 44 -11.52 -0.64 -18.84
C PRO E 44 -10.61 -1.86 -18.90
N LYS E 45 -10.62 -2.67 -17.85
CA LYS E 45 -9.77 -3.85 -17.77
C LYS E 45 -10.59 -5.13 -17.66
N LEU E 46 -10.45 -6.00 -18.66
CA LEU E 46 -11.10 -7.30 -18.64
C LEU E 46 -10.60 -8.11 -17.45
N LEU E 47 -11.51 -8.34 -16.50
CA LEU E 47 -11.16 -9.10 -15.31
C LEU E 47 -11.70 -10.53 -15.42
N ILE E 48 -12.93 -10.65 -15.89
CA ILE E 48 -13.56 -11.95 -16.05
C ILE E 48 -14.13 -12.10 -17.45
N TYR E 49 -13.89 -13.27 -18.06
CA TYR E 49 -14.46 -13.60 -19.36
C TYR E 49 -15.20 -14.93 -19.26
N SER E 50 -15.99 -15.24 -20.27
CA SER E 50 -16.79 -16.46 -20.31
C SER E 50 -17.51 -16.66 -18.98
N ALA E 51 -18.19 -15.60 -18.54
CA ALA E 51 -18.98 -15.60 -17.32
C ALA E 51 -18.14 -15.75 -16.05
N SER E 52 -17.39 -16.85 -15.94
CA SER E 52 -16.76 -17.22 -14.67
C SER E 52 -15.24 -17.32 -14.70
N TYR E 53 -14.62 -17.05 -15.85
CA TYR E 53 -13.17 -17.23 -15.99
C TYR E 53 -12.37 -15.95 -15.88
N ARG E 54 -11.30 -15.99 -15.09
CA ARG E 54 -10.42 -14.85 -14.90
C ARG E 54 -9.46 -14.66 -16.06
N TYR E 55 -9.28 -13.41 -16.46
CA TYR E 55 -8.25 -13.07 -17.44
C TYR E 55 -6.88 -13.24 -16.79
N THR E 56 -5.84 -13.24 -17.61
CA THR E 56 -4.48 -13.37 -17.10
C THR E 56 -4.10 -12.21 -16.19
N GLY E 57 -3.38 -12.52 -15.12
CA GLY E 57 -2.89 -11.51 -14.20
C GLY E 57 -3.97 -10.98 -13.28
N VAL E 58 -5.19 -11.50 -13.43
CA VAL E 58 -6.30 -11.07 -12.57
C VAL E 58 -6.20 -11.77 -11.22
N PRO E 59 -6.31 -11.00 -10.11
CA PRO E 59 -6.22 -11.60 -8.77
C PRO E 59 -7.29 -12.67 -8.54
N ASP E 60 -7.06 -13.53 -7.57
CA ASP E 60 -8.00 -14.62 -7.30
C ASP E 60 -9.19 -14.15 -6.48
N ARG E 61 -9.26 -12.86 -6.19
CA ARG E 61 -10.37 -12.32 -5.41
C ARG E 61 -11.56 -12.00 -6.31
N PHE E 62 -11.26 -11.61 -7.55
CA PHE E 62 -12.30 -11.33 -8.53
C PHE E 62 -12.81 -12.61 -9.17
N THR E 63 -14.11 -12.87 -9.01
CA THR E 63 -14.72 -14.05 -9.59
C THR E 63 -16.05 -13.67 -10.25
N GLY E 64 -16.52 -14.52 -11.15
CA GLY E 64 -17.79 -14.31 -11.83
C GLY E 64 -18.64 -15.56 -11.76
N SER E 65 -19.95 -15.40 -11.88
CA SER E 65 -20.88 -16.52 -11.83
C SER E 65 -22.21 -16.18 -12.49
N GLY E 66 -23.01 -17.21 -12.75
CA GLY E 66 -24.33 -17.03 -13.33
C GLY E 66 -24.36 -17.52 -14.77
N SER E 67 -25.58 -17.75 -15.26
CA SER E 67 -25.75 -18.22 -16.62
C SER E 67 -27.16 -17.90 -17.12
N GLY E 68 -27.28 -17.67 -18.43
CA GLY E 68 -28.56 -17.40 -19.05
C GLY E 68 -28.95 -15.94 -18.99
N THR E 69 -29.62 -15.56 -17.89
CA THR E 69 -30.16 -14.22 -17.75
C THR E 69 -29.49 -13.50 -16.58
N ASP E 70 -29.37 -14.20 -15.47
CA ASP E 70 -28.89 -13.61 -14.23
C ASP E 70 -27.42 -13.92 -14.00
N PHE E 71 -26.61 -12.87 -13.89
CA PHE E 71 -25.17 -13.01 -13.76
C PHE E 71 -24.65 -12.23 -12.54
N THR E 72 -23.60 -12.77 -11.92
CA THR E 72 -23.05 -12.19 -10.71
C THR E 72 -21.53 -12.16 -10.74
N PHE E 73 -20.96 -10.99 -10.49
CA PHE E 73 -19.54 -10.83 -10.33
C PHE E 73 -19.27 -10.67 -8.83
N THR E 74 -18.08 -11.08 -8.40
CA THR E 74 -17.79 -11.15 -6.97
C THR E 74 -16.38 -10.69 -6.61
N ILE E 75 -16.29 -9.97 -5.50
CA ILE E 75 -15.02 -9.65 -4.86
C ILE E 75 -15.08 -10.15 -3.42
N SER E 76 -14.43 -11.28 -3.15
CA SER E 76 -14.52 -11.94 -1.86
C SER E 76 -13.96 -11.06 -0.73
N SER E 77 -13.07 -10.14 -1.11
CA SER E 77 -12.46 -9.23 -0.15
C SER E 77 -12.00 -7.97 -0.87
N VAL E 78 -12.86 -6.96 -0.91
CA VAL E 78 -12.55 -5.74 -1.65
C VAL E 78 -11.35 -5.02 -1.05
N GLN E 79 -10.65 -4.29 -1.89
CA GLN E 79 -9.48 -3.51 -1.47
C GLN E 79 -9.61 -2.08 -1.94
N ALA E 80 -8.88 -1.17 -1.30
CA ALA E 80 -8.95 0.25 -1.62
C ALA E 80 -8.49 0.53 -3.05
N GLU E 81 -7.96 -0.50 -3.71
CA GLU E 81 -7.55 -0.39 -5.10
C GLU E 81 -8.73 -0.69 -6.01
N ASP E 82 -9.66 -1.48 -5.50
CA ASP E 82 -10.78 -1.99 -6.30
C ASP E 82 -11.87 -0.96 -6.55
N LEU E 83 -11.67 0.27 -6.07
CA LEU E 83 -12.68 1.31 -6.24
C LEU E 83 -12.69 1.82 -7.68
N ALA E 84 -13.71 1.39 -8.42
CA ALA E 84 -13.81 1.72 -9.83
C ALA E 84 -15.22 1.45 -10.36
N VAL E 85 -15.47 1.86 -11.60
CA VAL E 85 -16.75 1.60 -12.26
C VAL E 85 -16.65 0.31 -13.05
N TYR E 86 -17.57 -0.61 -12.80
CA TYR E 86 -17.56 -1.93 -13.45
C TYR E 86 -18.71 -2.04 -14.43
N TYR E 87 -18.49 -2.81 -15.51
CA TYR E 87 -19.50 -3.01 -16.54
C TYR E 87 -19.55 -4.48 -16.97
N CYS E 88 -20.75 -4.98 -17.28
CA CYS E 88 -20.91 -6.34 -17.78
C CYS E 88 -21.08 -6.32 -19.29
N GLN E 89 -20.84 -7.46 -19.94
CA GLN E 89 -20.85 -7.54 -21.39
C GLN E 89 -21.28 -8.92 -21.85
N GLN E 90 -22.11 -8.95 -22.89
CA GLN E 90 -22.42 -10.20 -23.59
C GLN E 90 -21.58 -10.27 -24.87
N HIS E 91 -21.08 -11.46 -25.18
CA HIS E 91 -20.38 -11.68 -26.45
C HIS E 91 -21.06 -12.84 -27.18
N TYR E 92 -22.38 -12.78 -27.24
CA TYR E 92 -23.18 -13.85 -27.84
C TYR E 92 -23.75 -13.44 -29.18
N SER E 93 -24.07 -12.17 -29.34
CA SER E 93 -24.69 -11.69 -30.57
C SER E 93 -24.29 -10.25 -30.91
N ILE E 94 -24.73 -9.79 -32.07
CA ILE E 94 -24.47 -8.43 -32.53
C ILE E 94 -25.73 -7.56 -32.40
N PRO E 95 -25.56 -6.26 -32.10
CA PRO E 95 -24.36 -5.59 -31.59
C PRO E 95 -23.92 -6.12 -30.24
N ARG E 96 -22.78 -5.63 -29.78
CA ARG E 96 -22.23 -6.00 -28.47
C ARG E 96 -22.88 -5.14 -27.39
N THR E 97 -23.50 -5.80 -26.42
CA THR E 97 -24.22 -5.10 -25.36
C THR E 97 -23.35 -4.88 -24.13
N PHE E 98 -23.27 -3.63 -23.68
CA PHE E 98 -22.52 -3.27 -22.48
C PHE E 98 -23.47 -2.72 -21.41
N GLY E 99 -23.32 -3.21 -20.18
CA GLY E 99 -24.20 -2.82 -19.10
C GLY E 99 -23.97 -1.36 -18.74
N GLY E 100 -24.88 -0.79 -17.96
CA GLY E 100 -24.65 0.50 -17.33
C GLY E 100 -23.68 0.38 -16.17
N GLY E 101 -22.95 1.45 -15.87
CA GLY E 101 -21.87 1.38 -14.91
C GLY E 101 -22.29 1.51 -13.46
N THR E 102 -21.79 0.58 -12.64
CA THR E 102 -22.03 0.61 -11.20
C THR E 102 -20.79 1.12 -10.49
N LYS E 103 -20.78 2.40 -10.16
CA LYS E 103 -19.68 2.98 -9.38
C LYS E 103 -19.55 2.26 -8.05
N LEU E 104 -18.32 2.14 -7.55
CA LEU E 104 -18.07 1.49 -6.27
C LEU E 104 -17.59 2.54 -5.28
N GLU E 105 -18.16 2.48 -4.07
CA GLU E 105 -17.89 3.45 -3.03
C GLU E 105 -17.48 2.70 -1.77
N ILE E 106 -16.41 3.12 -1.09
CA ILE E 106 -16.10 2.53 0.21
C ILE E 106 -17.08 3.10 1.24
N LYS E 107 -18.36 3.00 0.92
CA LYS E 107 -19.43 3.66 1.67
C LYS E 107 -19.10 5.14 1.87
N ARG E 108 -18.50 5.46 3.03
CA ARG E 108 -18.16 6.84 3.35
C ARG E 108 -16.67 7.10 3.04
N GLU E 109 -16.38 7.38 1.78
CA GLU E 109 -14.99 7.52 1.31
C GLU E 109 -14.34 8.83 1.73
N VAL E 110 -15.17 9.80 2.10
CA VAL E 110 -14.73 11.18 2.33
C VAL E 110 -14.53 11.87 0.98
N GLN E 111 -15.46 12.76 0.65
CA GLN E 111 -15.47 13.42 -0.66
C GLN E 111 -15.13 14.90 -0.58
N LEU E 112 -14.74 15.46 -1.71
CA LEU E 112 -14.42 16.88 -1.82
C LEU E 112 -14.82 17.38 -3.20
N GLN E 113 -15.89 18.18 -3.24
CA GLN E 113 -16.44 18.67 -4.49
C GLN E 113 -16.18 20.15 -4.68
N GLN E 114 -15.22 20.47 -5.55
CA GLN E 114 -14.94 21.85 -5.91
C GLN E 114 -15.99 22.37 -6.87
N SER E 115 -15.95 23.67 -7.16
CA SER E 115 -16.87 24.26 -8.12
C SER E 115 -16.50 23.85 -9.55
N GLY E 116 -17.32 24.27 -10.50
CA GLY E 116 -17.10 23.93 -11.90
C GLY E 116 -16.08 24.86 -12.56
N PRO E 117 -15.80 24.64 -13.84
CA PRO E 117 -14.84 25.45 -14.60
C PRO E 117 -15.25 26.91 -14.72
N GLU E 118 -14.29 27.78 -15.05
CA GLU E 118 -14.54 29.22 -15.10
C GLU E 118 -13.78 29.86 -16.26
N LEU E 119 -14.51 30.49 -17.17
CA LEU E 119 -13.91 31.26 -18.26
C LEU E 119 -13.97 32.74 -17.93
N VAL E 120 -12.84 33.28 -17.49
CA VAL E 120 -12.78 34.64 -16.97
C VAL E 120 -12.23 35.63 -18.01
N LYS E 121 -12.69 36.88 -17.92
CA LYS E 121 -12.13 37.95 -18.73
C LYS E 121 -11.05 38.66 -17.90
N PRO E 122 -9.89 38.98 -18.50
CA PRO E 122 -8.78 39.56 -17.74
C PRO E 122 -9.16 40.73 -16.84
N GLY E 123 -8.62 40.74 -15.61
CA GLY E 123 -8.89 41.81 -14.67
C GLY E 123 -10.05 41.51 -13.75
N ALA E 124 -10.81 40.46 -14.06
CA ALA E 124 -11.98 40.10 -13.27
C ALA E 124 -11.60 39.18 -12.12
N SER E 125 -12.61 38.68 -11.42
CA SER E 125 -12.39 37.80 -10.27
C SER E 125 -13.39 36.66 -10.25
N VAL E 126 -12.96 35.50 -9.75
CA VAL E 126 -13.81 34.33 -9.63
C VAL E 126 -13.61 33.66 -8.26
N LYS E 127 -14.69 33.10 -7.73
CA LYS E 127 -14.68 32.48 -6.40
C LYS E 127 -14.90 30.98 -6.49
N ILE E 128 -13.81 30.21 -6.39
CA ILE E 128 -13.88 28.76 -6.45
C ILE E 128 -14.23 28.18 -5.08
N SER E 129 -15.16 27.24 -5.08
CA SER E 129 -15.61 26.62 -3.84
C SER E 129 -14.96 25.25 -3.62
N CYS E 130 -15.34 24.60 -2.53
CA CYS E 130 -14.70 23.36 -2.14
C CYS E 130 -15.59 22.64 -1.11
N LYS E 131 -16.67 22.03 -1.61
CA LYS E 131 -17.64 21.36 -0.76
C LYS E 131 -17.04 20.09 -0.18
N ALA E 132 -16.81 20.11 1.13
CA ALA E 132 -16.24 18.98 1.83
C ALA E 132 -17.32 18.13 2.47
N SER E 133 -17.07 16.83 2.56
CA SER E 133 -18.03 15.89 3.14
C SER E 133 -17.36 14.59 3.56
N GLY E 134 -18.08 13.78 4.32
CA GLY E 134 -17.59 12.47 4.73
C GLY E 134 -16.66 12.51 5.94
N TYR E 135 -16.42 13.71 6.46
CA TYR E 135 -15.54 13.87 7.61
C TYR E 135 -15.83 15.15 8.38
N THR E 136 -15.33 15.21 9.62
CA THR E 136 -15.48 16.40 10.45
C THR E 136 -14.70 17.57 9.86
N PHE E 137 -15.44 18.52 9.31
CA PHE E 137 -14.88 19.62 8.55
C PHE E 137 -13.91 20.50 9.34
N THR E 138 -14.17 20.64 10.63
CA THR E 138 -13.35 21.53 11.47
C THR E 138 -12.12 20.83 12.06
N ASP E 139 -11.97 19.55 11.73
CA ASP E 139 -10.89 18.74 12.30
C ASP E 139 -9.67 18.65 11.37
N TYR E 140 -9.70 19.40 10.28
CA TYR E 140 -8.59 19.40 9.32
C TYR E 140 -8.42 20.76 8.65
N TYR E 141 -7.21 21.03 8.18
CA TYR E 141 -6.95 22.22 7.38
C TYR E 141 -7.43 22.02 5.96
N MET E 142 -7.85 23.12 5.32
CA MET E 142 -8.25 23.10 3.92
C MET E 142 -7.29 23.95 3.12
N ASN E 143 -6.48 23.27 2.30
CA ASN E 143 -5.45 23.93 1.51
C ASN E 143 -5.83 24.00 0.05
N TRP E 144 -5.07 24.78 -0.72
CA TRP E 144 -5.27 24.88 -2.15
C TRP E 144 -3.93 24.80 -2.89
N VAL E 145 -3.97 24.40 -4.15
CA VAL E 145 -2.76 24.20 -4.95
C VAL E 145 -2.96 24.67 -6.39
N LYS E 146 -1.92 25.28 -6.96
CA LYS E 146 -1.95 25.72 -8.35
C LYS E 146 -1.07 24.82 -9.21
N GLN E 147 -1.55 24.53 -10.40
CA GLN E 147 -0.79 23.74 -11.37
C GLN E 147 -1.05 24.25 -12.78
N SER E 148 -0.20 25.15 -13.25
CA SER E 148 -0.26 25.60 -14.63
C SER E 148 -0.09 24.38 -15.53
N HIS E 149 -0.55 24.48 -16.77
CA HIS E 149 -0.53 23.33 -17.68
C HIS E 149 0.86 22.77 -17.81
N GLY E 150 1.00 21.48 -17.50
CA GLY E 150 2.27 20.79 -17.59
C GLY E 150 3.27 21.24 -16.53
N LYS E 151 2.86 22.18 -15.70
CA LYS E 151 3.74 22.70 -14.65
C LYS E 151 3.59 21.90 -13.37
N SER E 152 4.41 22.22 -12.39
CA SER E 152 4.38 21.54 -11.10
C SER E 152 3.29 22.12 -10.20
N LEU E 153 3.19 21.56 -8.99
CA LEU E 153 2.19 22.00 -8.03
C LEU E 153 2.72 23.15 -7.18
N GLU E 154 1.90 24.19 -7.05
CA GLU E 154 2.27 25.38 -6.30
C GLU E 154 1.32 25.59 -5.12
N TRP E 155 1.81 25.36 -3.91
CA TRP E 155 0.97 25.50 -2.72
C TRP E 155 0.55 26.95 -2.53
N ILE E 156 -0.77 27.16 -2.45
CA ILE E 156 -1.32 28.50 -2.33
C ILE E 156 -1.37 28.92 -0.87
N GLY E 157 -2.29 28.35 -0.12
CA GLY E 157 -2.46 28.68 1.27
C GLY E 157 -3.46 27.77 1.95
N ASN E 158 -3.48 27.79 3.28
CA ASN E 158 -4.44 27.01 4.04
C ASN E 158 -5.32 27.92 4.87
N ILE E 159 -6.52 27.44 5.14
CA ILE E 159 -7.41 28.08 6.12
C ILE E 159 -7.78 27.04 7.15
N ASN E 160 -7.97 27.49 8.39
CA ASN E 160 -8.46 26.62 9.45
C ASN E 160 -9.97 26.74 9.57
N PRO E 161 -10.71 25.70 9.18
CA PRO E 161 -12.16 25.79 9.32
C PRO E 161 -12.58 25.92 10.77
N ASN E 162 -11.68 25.55 11.68
CA ASN E 162 -11.94 25.63 13.11
C ASN E 162 -12.11 27.08 13.57
N ASN E 163 -11.45 28.02 12.89
CA ASN E 163 -11.54 29.43 13.26
C ASN E 163 -11.41 30.38 12.07
N GLY E 164 -11.32 29.84 10.87
CA GLY E 164 -11.21 30.64 9.67
C GLY E 164 -9.85 31.30 9.50
N GLY E 165 -8.90 30.94 10.36
CA GLY E 165 -7.56 31.49 10.30
C GLY E 165 -6.83 31.00 9.06
N THR E 166 -6.14 31.92 8.39
CA THR E 166 -5.50 31.62 7.10
C THR E 166 -3.98 31.67 7.19
N SER E 167 -3.33 31.13 6.16
CA SER E 167 -1.89 31.13 6.05
C SER E 167 -1.46 30.85 4.62
N TYR E 168 -1.09 31.90 3.90
CA TYR E 168 -0.81 31.79 2.47
C TYR E 168 0.68 31.66 2.15
N ASN E 169 0.97 31.10 0.98
CA ASN E 169 2.30 31.19 0.40
C ASN E 169 2.48 32.62 -0.09
N GLN E 170 3.63 33.20 0.21
CA GLN E 170 3.84 34.64 -0.01
C GLN E 170 3.60 35.06 -1.46
N LYS E 171 3.73 34.12 -2.40
CA LYS E 171 3.51 34.43 -3.80
C LYS E 171 2.04 34.74 -4.08
N PHE E 172 1.16 34.20 -3.24
CA PHE E 172 -0.27 34.32 -3.46
C PHE E 172 -0.98 35.20 -2.43
N LYS E 173 -0.20 35.84 -1.56
CA LYS E 173 -0.77 36.75 -0.58
C LYS E 173 -1.33 37.98 -1.28
N GLY E 174 -2.63 38.22 -1.09
CA GLY E 174 -3.32 39.30 -1.77
C GLY E 174 -3.95 38.79 -3.06
N LYS E 175 -3.16 38.03 -3.82
CA LYS E 175 -3.63 37.45 -5.07
C LYS E 175 -4.80 36.50 -4.81
N ALA E 176 -4.72 35.75 -3.71
CA ALA E 176 -5.74 34.79 -3.35
C ALA E 176 -6.34 35.11 -1.97
N THR E 177 -7.62 34.79 -1.81
CA THR E 177 -8.34 35.03 -0.57
C THR E 177 -9.03 33.76 -0.10
N LEU E 178 -8.69 33.31 1.11
CA LEU E 178 -9.24 32.07 1.64
C LEU E 178 -10.34 32.30 2.67
N THR E 179 -11.52 31.78 2.35
CA THR E 179 -12.68 31.85 3.24
C THR E 179 -13.25 30.45 3.39
N VAL E 180 -14.29 30.31 4.21
CA VAL E 180 -14.88 28.99 4.46
C VAL E 180 -16.31 29.13 4.99
N ASP E 181 -17.07 28.05 4.85
CA ASP E 181 -18.44 28.00 5.36
C ASP E 181 -18.67 26.72 6.16
N LYS E 182 -18.73 26.86 7.48
CA LYS E 182 -18.89 25.71 8.37
C LYS E 182 -20.25 25.07 8.21
N SER E 183 -21.28 25.91 8.11
CA SER E 183 -22.66 25.43 8.07
C SER E 183 -22.91 24.46 6.92
N SER E 184 -22.36 24.77 5.76
CA SER E 184 -22.51 23.94 4.58
C SER E 184 -21.31 23.04 4.37
N THR E 185 -20.27 23.23 5.19
CA THR E 185 -19.03 22.48 5.07
C THR E 185 -18.41 22.71 3.69
N THR E 186 -18.10 23.97 3.40
CA THR E 186 -17.59 24.36 2.09
C THR E 186 -16.51 25.42 2.23
N ALA E 187 -15.37 25.16 1.60
CA ALA E 187 -14.29 26.14 1.58
C ALA E 187 -14.32 26.91 0.25
N TYR E 188 -13.97 28.17 0.32
CA TYR E 188 -13.97 29.02 -0.87
C TYR E 188 -12.62 29.69 -1.03
N MET E 189 -12.25 29.94 -2.27
CA MET E 189 -11.03 30.66 -2.58
C MET E 189 -11.26 31.52 -3.81
N GLU E 190 -11.17 32.84 -3.64
CA GLU E 190 -11.36 33.76 -4.75
C GLU E 190 -10.04 34.42 -5.14
N LEU E 191 -9.89 34.66 -6.45
CA LEU E 191 -8.67 35.25 -7.00
C LEU E 191 -8.96 36.59 -7.64
N ARG E 192 -8.07 37.56 -7.44
CA ARG E 192 -8.24 38.90 -8.00
C ARG E 192 -7.20 39.20 -9.09
N SER E 193 -7.51 40.19 -9.92
CA SER E 193 -6.62 40.64 -10.98
C SER E 193 -6.18 39.48 -11.88
N LEU E 194 -7.16 38.76 -12.42
CA LEU E 194 -6.86 37.56 -13.19
C LEU E 194 -6.31 37.89 -14.57
N THR E 195 -5.25 37.19 -14.92
CA THR E 195 -4.58 37.36 -16.20
C THR E 195 -4.29 36.00 -16.80
N SER E 196 -3.76 35.99 -18.01
CA SER E 196 -3.43 34.75 -18.69
C SER E 196 -2.47 33.90 -17.86
N GLU E 197 -1.74 34.54 -16.95
CA GLU E 197 -0.82 33.84 -16.06
C GLU E 197 -1.58 32.96 -15.07
N ASP E 198 -2.80 33.37 -14.75
CA ASP E 198 -3.61 32.65 -13.78
C ASP E 198 -4.27 31.44 -14.41
N SER E 199 -4.23 31.37 -15.74
CA SER E 199 -4.73 30.20 -16.45
C SER E 199 -4.02 28.94 -15.96
N ALA E 200 -4.71 28.17 -15.13
CA ALA E 200 -4.14 26.97 -14.54
C ALA E 200 -5.23 26.11 -13.91
N VAL E 201 -4.88 24.86 -13.58
CA VAL E 201 -5.79 23.98 -12.86
C VAL E 201 -5.56 24.16 -11.37
N TYR E 202 -6.63 24.44 -10.63
CA TYR E 202 -6.56 24.69 -9.20
C TYR E 202 -7.22 23.57 -8.41
N TYR E 203 -6.51 23.10 -7.39
CA TYR E 203 -6.98 21.98 -6.58
C TYR E 203 -7.21 22.39 -5.13
N CYS E 204 -8.35 21.99 -4.58
CA CYS E 204 -8.62 22.11 -3.16
C CYS E 204 -8.26 20.80 -2.49
N THR E 205 -7.54 20.85 -1.39
CA THR E 205 -7.10 19.64 -0.72
C THR E 205 -7.12 19.75 0.80
N ARG E 206 -7.29 18.59 1.45
CA ARG E 206 -7.36 18.52 2.90
C ARG E 206 -6.01 18.16 3.49
N SER E 207 -5.77 18.57 4.72
CA SER E 207 -4.54 18.23 5.41
C SER E 207 -4.75 18.16 6.91
N PRO E 208 -4.47 17.01 7.53
CA PRO E 208 -4.45 16.98 8.98
C PRO E 208 -3.34 17.86 9.52
N VAL E 209 -3.51 18.42 10.70
CA VAL E 209 -2.46 19.21 11.31
C VAL E 209 -1.30 18.28 11.68
N ARG E 210 -1.62 17.00 11.85
CA ARG E 210 -0.63 16.01 12.25
C ARG E 210 -1.16 14.59 12.01
N PRO E 211 -0.46 13.78 11.21
CA PRO E 211 0.78 14.10 10.46
C PRO E 211 0.50 15.09 9.34
N TYR E 212 1.53 15.81 8.91
CA TYR E 212 1.37 16.79 7.84
C TYR E 212 1.40 16.09 6.49
N TYR E 213 0.28 16.13 5.78
CA TYR E 213 0.21 15.64 4.41
C TYR E 213 -1.11 16.04 3.76
N PHE E 214 -1.19 15.86 2.45
CA PHE E 214 -2.42 16.14 1.71
C PHE E 214 -3.11 14.85 1.30
N ASP E 215 -4.03 14.39 2.16
CA ASP E 215 -4.60 13.06 2.03
C ASP E 215 -5.82 13.01 1.12
N TYR E 216 -6.49 14.14 0.95
CA TYR E 216 -7.66 14.21 0.08
C TYR E 216 -7.65 15.45 -0.80
N TRP E 217 -7.98 15.25 -2.06
CA TRP E 217 -7.93 16.30 -3.08
C TRP E 217 -9.26 16.39 -3.82
N GLY E 218 -9.57 17.57 -4.33
CA GLY E 218 -10.76 17.77 -5.13
C GLY E 218 -10.53 17.32 -6.56
N GLN E 219 -11.59 17.31 -7.36
CA GLN E 219 -11.48 16.89 -8.76
C GLN E 219 -10.67 17.90 -9.56
N GLY E 220 -10.46 19.08 -8.98
CA GLY E 220 -9.68 20.12 -9.63
C GLY E 220 -10.56 21.02 -10.49
N THR E 221 -10.28 22.32 -10.43
CA THR E 221 -11.03 23.31 -11.21
C THR E 221 -10.09 23.99 -12.20
N THR E 222 -10.53 24.05 -13.46
CA THR E 222 -9.74 24.63 -14.54
C THR E 222 -10.08 26.10 -14.75
N LEU E 223 -9.08 26.96 -14.65
CA LEU E 223 -9.28 28.40 -14.83
C LEU E 223 -8.68 28.86 -16.16
N THR E 224 -9.45 29.68 -16.88
CA THR E 224 -8.97 30.28 -18.12
C THR E 224 -9.33 31.77 -18.13
N VAL E 225 -8.33 32.60 -18.36
CA VAL E 225 -8.50 34.05 -18.38
C VAL E 225 -8.40 34.60 -19.80
N SER E 226 -9.55 34.94 -20.38
CA SER E 226 -9.61 35.48 -21.74
C SER E 226 -10.85 36.35 -21.93
N ASP F 1 11.94 29.40 2.06
CA ASP F 1 11.27 28.19 1.49
C ASP F 1 12.27 27.06 1.31
N ILE F 2 11.80 25.83 1.46
CA ILE F 2 12.62 24.65 1.22
C ILE F 2 12.35 24.15 -0.18
N VAL F 3 13.42 23.86 -0.92
CA VAL F 3 13.31 23.45 -2.32
C VAL F 3 13.52 21.95 -2.50
N MET F 4 12.46 21.26 -2.90
CA MET F 4 12.54 19.83 -3.20
C MET F 4 12.97 19.65 -4.65
N THR F 5 13.77 18.63 -4.92
CA THR F 5 14.37 18.46 -6.24
C THR F 5 14.29 17.03 -6.78
N GLN F 6 13.54 16.87 -7.86
CA GLN F 6 13.55 15.64 -8.65
C GLN F 6 14.24 15.94 -9.98
N SER F 7 15.54 15.65 -10.04
CA SER F 7 16.34 16.00 -11.21
C SER F 7 15.80 15.42 -12.51
N HIS F 8 14.99 14.38 -12.39
CA HIS F 8 14.42 13.72 -13.55
C HIS F 8 13.00 14.19 -13.87
N LYS F 9 12.82 14.69 -15.09
CA LYS F 9 11.50 15.08 -15.57
C LYS F 9 10.78 13.87 -16.14
N PHE F 10 11.56 12.87 -16.54
CA PHE F 10 11.02 11.62 -17.07
C PHE F 10 11.77 10.45 -16.46
N MET F 11 11.20 9.26 -16.61
CA MET F 11 11.87 8.03 -16.24
C MET F 11 11.24 6.87 -16.98
N SER F 12 12.05 6.12 -17.71
CA SER F 12 11.54 5.04 -18.53
C SER F 12 11.66 3.70 -17.81
N THR F 13 10.66 2.84 -17.99
CA THR F 13 10.63 1.56 -17.30
C THR F 13 9.77 0.53 -18.04
N SER F 14 10.07 -0.73 -17.81
CA SER F 14 9.30 -1.84 -18.37
C SER F 14 8.32 -2.41 -17.34
N VAL F 15 7.21 -2.96 -17.83
CA VAL F 15 6.21 -3.55 -16.94
C VAL F 15 6.83 -4.68 -16.12
N GLY F 16 6.52 -4.69 -14.83
CA GLY F 16 7.01 -5.71 -13.93
C GLY F 16 8.37 -5.38 -13.35
N ASP F 17 9.05 -4.40 -13.95
CA ASP F 17 10.37 -4.00 -13.47
C ASP F 17 10.25 -3.20 -12.19
N ARG F 18 11.30 -3.25 -11.37
CA ARG F 18 11.38 -2.43 -10.17
C ARG F 18 12.19 -1.18 -10.46
N VAL F 19 11.75 -0.05 -9.93
CA VAL F 19 12.41 1.22 -10.17
C VAL F 19 12.35 2.14 -8.95
N SER F 20 13.21 3.15 -8.95
CA SER F 20 13.26 4.10 -7.86
C SER F 20 13.36 5.54 -8.37
N ILE F 21 12.71 6.45 -7.66
CA ILE F 21 12.77 7.88 -7.99
C ILE F 21 13.39 8.67 -6.85
N THR F 22 14.31 9.55 -7.20
CA THR F 22 15.04 10.34 -6.21
C THR F 22 14.41 11.72 -6.04
N CYS F 23 14.42 12.18 -4.80
CA CYS F 23 13.99 13.53 -4.48
C CYS F 23 14.92 14.15 -3.44
N LYS F 24 15.41 15.34 -3.76
CA LYS F 24 16.36 16.03 -2.89
C LYS F 24 15.73 17.29 -2.31
N ALA F 25 15.90 17.49 -1.01
CA ALA F 25 15.45 18.71 -0.35
C ALA F 25 16.60 19.71 -0.25
N SER F 26 16.26 21.00 -0.26
CA SER F 26 17.29 22.04 -0.19
C SER F 26 17.93 22.06 1.19
N GLN F 27 17.13 21.69 2.19
CA GLN F 27 17.58 21.68 3.57
C GLN F 27 17.07 20.42 4.26
N ASP F 28 17.52 20.20 5.49
CA ASP F 28 17.11 19.02 6.25
C ASP F 28 15.64 19.13 6.66
N VAL F 29 14.79 18.34 6.01
CA VAL F 29 13.37 18.31 6.33
C VAL F 29 13.04 17.08 7.16
N SER F 30 14.07 16.37 7.60
CA SER F 30 13.88 15.13 8.34
C SER F 30 13.05 14.16 7.52
N THR F 31 12.24 13.34 8.19
CA THR F 31 11.36 12.41 7.51
C THR F 31 10.12 13.11 6.98
N ALA F 32 10.02 14.42 7.22
CA ALA F 32 8.82 15.14 6.83
C ALA F 32 8.72 15.30 5.33
N VAL F 33 8.41 14.19 4.65
CA VAL F 33 8.29 14.19 3.20
C VAL F 33 7.22 13.21 2.74
N ALA F 34 6.29 13.70 1.93
CA ALA F 34 5.19 12.87 1.41
C ALA F 34 5.36 12.62 -0.08
N TRP F 35 4.76 11.54 -0.56
CA TRP F 35 4.80 11.18 -1.97
C TRP F 35 3.39 11.15 -2.55
N TYR F 36 3.25 11.66 -3.76
CA TYR F 36 1.96 11.73 -4.43
C TYR F 36 1.99 11.21 -5.86
N GLN F 37 0.85 10.70 -6.31
CA GLN F 37 0.70 10.20 -7.67
C GLN F 37 -0.43 10.91 -8.39
N GLN F 38 -0.12 11.59 -9.48
CA GLN F 38 -1.12 12.26 -10.29
C GLN F 38 -1.30 11.60 -11.65
N LYS F 39 -2.39 10.85 -11.80
CA LYS F 39 -2.69 10.20 -13.06
C LYS F 39 -3.22 11.26 -14.03
N PRO F 40 -3.18 10.96 -15.33
CA PRO F 40 -3.57 11.93 -16.37
C PRO F 40 -4.94 12.56 -16.14
N GLY F 41 -4.95 13.89 -16.01
CA GLY F 41 -6.19 14.63 -15.84
C GLY F 41 -6.90 14.32 -14.55
N GLN F 42 -6.13 14.00 -13.51
CA GLN F 42 -6.68 13.71 -12.19
C GLN F 42 -5.94 14.49 -11.12
N SER F 43 -6.39 14.31 -9.87
CA SER F 43 -5.73 14.95 -8.74
C SER F 43 -4.62 14.04 -8.22
N PRO F 44 -3.66 14.61 -7.49
CA PRO F 44 -2.63 13.78 -6.85
C PRO F 44 -3.23 12.86 -5.78
N LYS F 45 -2.56 11.74 -5.50
CA LYS F 45 -2.99 10.81 -4.46
C LYS F 45 -1.86 10.55 -3.46
N LEU F 46 -2.09 10.86 -2.20
CA LEU F 46 -1.10 10.59 -1.16
C LEU F 46 -0.89 9.10 -0.98
N LEU F 47 0.28 8.61 -1.37
CA LEU F 47 0.61 7.20 -1.28
C LEU F 47 1.52 6.93 -0.10
N ILE F 48 2.52 7.79 0.08
CA ILE F 48 3.43 7.66 1.20
C ILE F 48 3.47 8.95 2.01
N TYR F 49 3.46 8.79 3.33
CA TYR F 49 3.57 9.92 4.24
C TYR F 49 4.69 9.63 5.24
N SER F 50 5.20 10.67 5.88
CA SER F 50 6.26 10.51 6.86
C SER F 50 7.41 9.70 6.27
N ALA F 51 7.81 10.08 5.06
CA ALA F 51 8.93 9.46 4.35
C ALA F 51 8.68 8.02 3.92
N SER F 52 8.46 7.12 4.88
CA SER F 52 8.48 5.68 4.61
C SER F 52 7.16 4.96 4.81
N TYR F 53 6.15 5.67 5.31
CA TYR F 53 4.89 5.02 5.67
C TYR F 53 3.83 5.14 4.60
N ARG F 54 3.24 4.00 4.25
CA ARG F 54 2.15 3.95 3.29
C ARG F 54 0.86 4.49 3.85
N TYR F 55 0.20 5.35 3.08
CA TYR F 55 -1.13 5.80 3.44
C TYR F 55 -2.08 4.61 3.33
N THR F 56 -3.27 4.75 3.89
CA THR F 56 -4.24 3.66 3.92
C THR F 56 -4.70 3.25 2.53
N GLY F 57 -4.71 1.95 2.26
CA GLY F 57 -5.19 1.42 1.00
C GLY F 57 -4.14 1.49 -0.11
N VAL F 58 -2.92 1.85 0.26
CA VAL F 58 -1.83 1.94 -0.70
C VAL F 58 -1.17 0.57 -0.85
N PRO F 59 -1.06 0.06 -2.10
CA PRO F 59 -0.48 -1.27 -2.32
C PRO F 59 0.90 -1.44 -1.70
N ASP F 60 1.28 -2.68 -1.43
CA ASP F 60 2.56 -2.96 -0.77
C ASP F 60 3.73 -2.77 -1.73
N ARG F 61 3.45 -2.63 -3.02
CA ARG F 61 4.51 -2.46 -4.01
C ARG F 61 5.04 -1.03 -3.96
N PHE F 62 4.27 -0.13 -3.38
CA PHE F 62 4.70 1.26 -3.19
C PHE F 62 5.34 1.44 -1.83
N THR F 63 6.62 1.80 -1.83
CA THR F 63 7.36 2.06 -0.61
C THR F 63 8.12 3.39 -0.72
N GLY F 64 8.65 3.84 0.41
CA GLY F 64 9.45 5.05 0.45
C GLY F 64 10.60 4.90 1.42
N SER F 65 11.69 5.60 1.17
CA SER F 65 12.83 5.58 2.06
C SER F 65 13.58 6.91 2.00
N GLY F 66 14.50 7.11 2.94
CA GLY F 66 15.34 8.30 2.94
C GLY F 66 15.06 9.19 4.12
N SER F 67 15.98 10.11 4.39
CA SER F 67 15.84 11.03 5.51
C SER F 67 16.70 12.27 5.31
N GLY F 68 16.25 13.39 5.88
CA GLY F 68 17.01 14.62 5.84
C GLY F 68 16.80 15.39 4.55
N THR F 69 17.54 15.01 3.51
CA THR F 69 17.50 15.72 2.24
C THR F 69 17.21 14.78 1.08
N ASP F 70 17.89 13.63 1.08
CA ASP F 70 17.77 12.69 -0.02
C ASP F 70 16.78 11.59 0.30
N PHE F 71 15.80 11.43 -0.59
CA PHE F 71 14.72 10.49 -0.38
C PHE F 71 14.44 9.64 -1.61
N THR F 72 13.88 8.45 -1.39
CA THR F 72 13.61 7.50 -2.46
C THR F 72 12.18 6.99 -2.43
N PHE F 73 11.59 6.92 -3.61
CA PHE F 73 10.31 6.27 -3.81
C PHE F 73 10.55 5.04 -4.68
N THR F 74 9.75 4.00 -4.51
CA THR F 74 10.00 2.72 -5.18
C THR F 74 8.72 1.97 -5.55
N ILE F 75 8.72 1.37 -6.74
CA ILE F 75 7.67 0.46 -7.17
C ILE F 75 8.30 -0.90 -7.46
N SER F 76 8.05 -1.88 -6.58
CA SER F 76 8.74 -3.17 -6.66
C SER F 76 8.32 -3.98 -7.89
N SER F 77 7.12 -3.71 -8.41
CA SER F 77 6.64 -4.38 -9.61
C SER F 77 5.67 -3.48 -10.37
N VAL F 78 6.21 -2.71 -11.30
CA VAL F 78 5.43 -1.76 -12.08
C VAL F 78 4.27 -2.43 -12.81
N GLN F 79 3.16 -1.71 -12.90
CA GLN F 79 1.99 -2.17 -13.62
C GLN F 79 1.51 -1.08 -14.56
N ALA F 80 0.74 -1.46 -15.58
CA ALA F 80 0.26 -0.51 -16.58
C ALA F 80 -0.53 0.62 -15.95
N GLU F 81 -1.13 0.35 -14.79
CA GLU F 81 -1.94 1.33 -14.08
C GLU F 81 -1.08 2.42 -13.44
N ASP F 82 0.20 2.12 -13.26
CA ASP F 82 1.13 3.05 -12.60
C ASP F 82 1.51 4.21 -13.51
N LEU F 83 0.97 4.24 -14.71
CA LEU F 83 1.22 5.35 -15.63
C LEU F 83 0.70 6.65 -15.06
N ALA F 84 1.60 7.45 -14.47
CA ALA F 84 1.22 8.70 -13.85
C ALA F 84 2.41 9.61 -13.60
N VAL F 85 2.15 10.83 -13.14
CA VAL F 85 3.18 11.77 -12.75
C VAL F 85 3.33 11.72 -11.23
N TYR F 86 4.57 11.71 -10.74
CA TYR F 86 4.84 11.49 -9.33
C TYR F 86 5.57 12.65 -8.69
N TYR F 87 5.01 13.17 -7.59
CA TYR F 87 5.54 14.35 -6.91
C TYR F 87 6.00 14.05 -5.48
N CYS F 88 7.12 14.66 -5.08
CA CYS F 88 7.55 14.62 -3.69
C CYS F 88 7.18 15.94 -3.03
N GLN F 89 7.14 15.96 -1.70
CA GLN F 89 6.70 17.16 -0.99
C GLN F 89 7.18 17.20 0.46
N GLN F 90 7.94 18.24 0.77
CA GLN F 90 8.35 18.48 2.14
C GLN F 90 7.17 19.07 2.91
N HIS F 91 6.93 18.52 4.10
CA HIS F 91 5.92 19.07 5.00
C HIS F 91 6.57 19.33 6.35
N TYR F 92 7.65 20.11 6.29
CA TYR F 92 8.50 20.37 7.44
C TYR F 92 8.44 21.84 7.84
N SER F 93 8.00 22.68 6.91
CA SER F 93 8.01 24.12 7.12
C SER F 93 7.15 24.85 6.08
N ILE F 94 6.95 26.14 6.30
CA ILE F 94 6.11 26.96 5.42
C ILE F 94 6.99 27.76 4.43
N PRO F 95 6.54 27.86 3.17
CA PRO F 95 5.35 27.24 2.58
C PRO F 95 5.60 25.80 2.19
N ARG F 96 4.54 25.04 1.99
CA ARG F 96 4.68 23.69 1.49
C ARG F 96 5.18 23.74 0.06
N THR F 97 6.26 23.02 -0.21
CA THR F 97 6.89 23.03 -1.52
C THR F 97 6.98 21.63 -2.10
N PHE F 98 6.69 21.51 -3.39
CA PHE F 98 6.67 20.22 -4.07
C PHE F 98 7.89 20.04 -4.97
N GLY F 99 8.06 18.82 -5.45
CA GLY F 99 9.09 18.52 -6.44
C GLY F 99 8.61 18.86 -7.82
N GLY F 100 9.50 18.80 -8.80
CA GLY F 100 9.17 19.16 -10.18
C GLY F 100 8.32 18.10 -10.87
N GLY F 101 8.34 16.89 -10.34
CA GLY F 101 7.59 15.78 -10.91
C GLY F 101 8.51 14.83 -11.65
N THR F 102 8.01 13.63 -11.96
CA THR F 102 8.79 12.62 -12.66
C THR F 102 7.87 11.66 -13.41
N LYS F 103 7.63 11.94 -14.68
CA LYS F 103 6.76 11.12 -15.51
C LYS F 103 7.31 9.70 -15.66
N LEU F 104 6.42 8.74 -15.93
CA LEU F 104 6.82 7.34 -16.11
C LEU F 104 6.42 6.83 -17.50
N GLU F 105 7.26 5.98 -18.08
CA GLU F 105 7.09 5.48 -19.45
C GLU F 105 6.31 4.16 -19.44
N ILE F 106 6.11 3.58 -20.63
CA ILE F 106 5.14 2.50 -20.81
C ILE F 106 5.66 1.42 -21.76
N LYS F 107 4.72 0.72 -22.41
CA LYS F 107 4.99 -0.16 -23.55
C LYS F 107 5.24 -1.62 -23.17
N ARG F 108 5.93 -2.32 -24.06
CA ARG F 108 6.26 -3.75 -23.93
C ARG F 108 5.08 -4.64 -24.23
N GLU F 109 5.40 -5.91 -24.46
CA GLU F 109 4.42 -6.96 -24.75
C GLU F 109 3.48 -6.55 -25.89
N VAL F 110 2.33 -5.97 -25.56
CA VAL F 110 1.37 -5.56 -26.57
C VAL F 110 0.78 -4.21 -26.16
N GLN F 111 1.10 -3.18 -26.93
CA GLN F 111 0.71 -1.81 -26.60
C GLN F 111 -0.22 -1.23 -27.68
N LEU F 112 -0.82 -0.09 -27.38
CA LEU F 112 -1.71 0.58 -28.31
C LEU F 112 -1.73 2.08 -28.05
N GLN F 113 -1.41 2.85 -29.09
CA GLN F 113 -1.35 4.30 -28.99
C GLN F 113 -2.33 4.98 -29.95
N GLN F 114 -3.45 5.46 -29.42
CA GLN F 114 -4.40 6.23 -30.20
C GLN F 114 -3.85 7.64 -30.41
N SER F 115 -4.43 8.38 -31.35
CA SER F 115 -4.01 9.75 -31.59
C SER F 115 -4.40 10.66 -30.44
N GLY F 116 -4.04 11.93 -30.55
CA GLY F 116 -4.30 12.90 -29.48
C GLY F 116 -5.70 13.47 -29.56
N PRO F 117 -6.09 14.28 -28.57
CA PRO F 117 -7.43 14.88 -28.47
C PRO F 117 -7.81 15.71 -29.69
N GLU F 118 -9.09 16.05 -29.81
CA GLU F 118 -9.59 16.76 -30.98
C GLU F 118 -10.62 17.82 -30.58
N LEU F 119 -10.34 19.09 -30.88
CA LEU F 119 -11.32 20.16 -30.70
C LEU F 119 -11.98 20.48 -32.02
N VAL F 120 -13.26 20.12 -32.13
CA VAL F 120 -13.99 20.20 -33.39
C VAL F 120 -14.92 21.42 -33.43
N LYS F 121 -15.22 21.90 -34.64
CA LYS F 121 -16.31 22.84 -34.85
C LYS F 121 -17.46 22.08 -35.52
N PRO F 122 -18.70 22.29 -35.03
CA PRO F 122 -19.86 21.48 -35.46
C PRO F 122 -19.98 21.31 -36.97
N GLY F 123 -20.35 20.10 -37.39
CA GLY F 123 -20.52 19.80 -38.80
C GLY F 123 -19.23 19.40 -39.49
N ALA F 124 -18.13 19.43 -38.75
CA ALA F 124 -16.82 19.08 -39.30
C ALA F 124 -16.59 17.58 -39.21
N SER F 125 -15.36 17.17 -39.51
CA SER F 125 -14.99 15.75 -39.51
C SER F 125 -13.61 15.54 -38.90
N VAL F 126 -13.39 14.35 -38.33
CA VAL F 126 -12.10 14.00 -37.75
C VAL F 126 -11.81 12.52 -38.01
N LYS F 127 -10.55 12.19 -38.22
CA LYS F 127 -10.13 10.82 -38.43
C LYS F 127 -9.23 10.35 -37.30
N ILE F 128 -9.82 9.68 -36.32
CA ILE F 128 -9.06 9.22 -35.15
C ILE F 128 -8.36 7.91 -35.48
N SER F 129 -7.11 7.79 -35.04
CA SER F 129 -6.30 6.61 -35.34
C SER F 129 -6.19 5.69 -34.14
N CYS F 130 -5.42 4.62 -34.30
CA CYS F 130 -5.31 3.58 -33.30
C CYS F 130 -4.08 2.72 -33.57
N LYS F 131 -2.90 3.27 -33.27
CA LYS F 131 -1.65 2.60 -33.57
C LYS F 131 -1.44 1.40 -32.66
N ALA F 132 -1.47 0.22 -33.24
CA ALA F 132 -1.29 -1.03 -32.51
C ALA F 132 0.15 -1.52 -32.63
N SER F 133 0.62 -2.23 -31.60
CA SER F 133 1.99 -2.74 -31.58
C SER F 133 2.14 -3.91 -30.61
N GLY F 134 3.12 -4.78 -30.87
CA GLY F 134 3.49 -5.82 -29.92
C GLY F 134 2.85 -7.17 -30.18
N TYR F 135 1.98 -7.25 -31.18
CA TYR F 135 1.29 -8.49 -31.49
C TYR F 135 1.04 -8.65 -32.99
N THR F 136 0.60 -9.85 -33.37
CA THR F 136 0.27 -10.13 -34.75
C THR F 136 -1.01 -9.39 -35.13
N PHE F 137 -0.84 -8.31 -35.89
CA PHE F 137 -1.93 -7.40 -36.21
C PHE F 137 -3.09 -8.09 -36.92
N THR F 138 -2.76 -9.05 -37.78
CA THR F 138 -3.76 -9.72 -38.60
C THR F 138 -4.43 -10.87 -37.84
N ASP F 139 -4.18 -10.96 -36.54
CA ASP F 139 -4.69 -12.08 -35.75
C ASP F 139 -5.81 -11.72 -34.79
N TYR F 140 -6.23 -10.46 -34.81
CA TYR F 140 -7.29 -10.01 -33.90
C TYR F 140 -8.20 -8.98 -34.55
N TYR F 141 -9.43 -8.89 -34.04
CA TYR F 141 -10.37 -7.87 -34.46
C TYR F 141 -10.07 -6.57 -33.74
N MET F 142 -10.36 -5.45 -34.40
CA MET F 142 -10.15 -4.12 -33.82
C MET F 142 -11.49 -3.40 -33.70
N ASN F 143 -11.95 -3.23 -32.47
CA ASN F 143 -13.25 -2.64 -32.22
C ASN F 143 -13.12 -1.17 -31.85
N TRP F 144 -14.26 -0.51 -31.65
CA TRP F 144 -14.27 0.87 -31.17
C TRP F 144 -15.42 1.09 -30.20
N VAL F 145 -15.29 2.11 -29.36
CA VAL F 145 -16.25 2.36 -28.30
C VAL F 145 -16.46 3.86 -28.07
N LYS F 146 -17.69 4.25 -27.78
CA LYS F 146 -18.01 5.62 -27.39
C LYS F 146 -18.41 5.66 -25.93
N GLN F 147 -17.93 6.69 -25.22
CA GLN F 147 -18.35 6.91 -23.84
C GLN F 147 -18.55 8.39 -23.57
N SER F 148 -19.80 8.84 -23.63
CA SER F 148 -20.11 10.22 -23.26
C SER F 148 -19.80 10.38 -21.77
N HIS F 149 -19.69 11.62 -21.31
CA HIS F 149 -19.31 11.89 -19.93
C HIS F 149 -20.31 11.31 -18.93
N GLY F 150 -19.83 10.41 -18.09
CA GLY F 150 -20.67 9.77 -17.09
C GLY F 150 -21.60 8.73 -17.69
N LYS F 151 -21.53 8.58 -19.01
CA LYS F 151 -22.37 7.65 -19.74
C LYS F 151 -21.61 6.34 -19.88
N SER F 152 -22.33 5.25 -20.14
CA SER F 152 -21.71 3.93 -20.28
C SER F 152 -20.97 3.80 -21.62
N LEU F 153 -20.39 2.64 -21.85
CA LEU F 153 -19.67 2.40 -23.10
C LEU F 153 -20.64 1.96 -24.19
N GLU F 154 -20.52 2.60 -25.35
CA GLU F 154 -21.38 2.31 -26.49
C GLU F 154 -20.55 1.80 -27.67
N TRP F 155 -20.66 0.51 -27.95
CA TRP F 155 -19.86 -0.12 -29.00
C TRP F 155 -20.22 0.44 -30.37
N ILE F 156 -19.19 0.85 -31.11
CA ILE F 156 -19.39 1.44 -32.43
C ILE F 156 -19.33 0.35 -33.50
N GLY F 157 -18.14 -0.18 -33.75
CA GLY F 157 -17.98 -1.18 -34.79
C GLY F 157 -16.61 -1.84 -34.78
N ASN F 158 -16.51 -3.03 -35.36
CA ASN F 158 -15.21 -3.69 -35.51
C ASN F 158 -14.84 -3.91 -36.97
N ILE F 159 -13.55 -3.90 -37.24
CA ILE F 159 -13.01 -4.13 -38.58
C ILE F 159 -12.04 -5.31 -38.53
N ASN F 160 -11.96 -6.05 -39.62
CA ASN F 160 -10.99 -7.12 -39.76
C ASN F 160 -9.80 -6.65 -40.57
N PRO F 161 -8.63 -6.48 -39.92
CA PRO F 161 -7.45 -6.04 -40.68
C PRO F 161 -7.10 -6.99 -41.82
N ASN F 162 -7.47 -8.26 -41.66
CA ASN F 162 -7.14 -9.29 -42.63
C ASN F 162 -7.64 -8.98 -44.04
N ASN F 163 -8.74 -8.23 -44.13
CA ASN F 163 -9.33 -7.90 -45.43
C ASN F 163 -10.00 -6.53 -45.47
N GLY F 164 -10.00 -5.83 -44.34
CA GLY F 164 -10.68 -4.56 -44.25
C GLY F 164 -12.18 -4.74 -44.13
N GLY F 165 -12.61 -5.98 -43.96
CA GLY F 165 -14.02 -6.28 -43.77
C GLY F 165 -14.52 -5.62 -42.49
N THR F 166 -15.77 -5.19 -42.50
CA THR F 166 -16.28 -4.32 -41.44
C THR F 166 -17.55 -4.86 -40.78
N SER F 167 -17.88 -4.30 -39.62
CA SER F 167 -19.08 -4.67 -38.89
C SER F 167 -19.39 -3.63 -37.82
N TYR F 168 -20.34 -2.75 -38.13
CA TYR F 168 -20.70 -1.67 -37.21
C TYR F 168 -21.92 -1.99 -36.36
N ASN F 169 -22.11 -1.19 -35.31
CA ASN F 169 -23.38 -1.10 -34.61
C ASN F 169 -24.29 -0.26 -35.48
N GLN F 170 -25.55 -0.68 -35.62
CA GLN F 170 -26.46 -0.02 -36.53
C GLN F 170 -26.75 1.44 -36.14
N LYS F 171 -26.46 1.77 -34.88
CA LYS F 171 -26.67 3.13 -34.39
C LYS F 171 -25.66 4.11 -34.99
N PHE F 172 -24.51 3.59 -35.40
CA PHE F 172 -23.42 4.43 -35.91
C PHE F 172 -23.13 4.20 -37.38
N LYS F 173 -24.00 3.44 -38.05
CA LYS F 173 -23.86 3.24 -39.49
C LYS F 173 -24.03 4.56 -40.22
N GLY F 174 -23.02 4.95 -41.00
CA GLY F 174 -23.01 6.22 -41.69
C GLY F 174 -22.29 7.27 -40.87
N LYS F 175 -22.47 7.21 -39.55
CA LYS F 175 -21.81 8.14 -38.64
C LYS F 175 -20.32 7.85 -38.57
N ALA F 176 -19.96 6.56 -38.62
CA ALA F 176 -18.57 6.14 -38.48
C ALA F 176 -18.12 5.28 -39.65
N THR F 177 -16.85 5.42 -40.03
CA THR F 177 -16.25 4.60 -41.07
C THR F 177 -15.00 3.91 -40.54
N LEU F 178 -14.85 2.63 -40.86
CA LEU F 178 -13.73 1.83 -40.40
C LEU F 178 -12.78 1.45 -41.51
N THR F 179 -11.52 1.85 -41.34
CA THR F 179 -10.47 1.51 -42.28
C THR F 179 -9.32 0.88 -41.52
N VAL F 180 -8.27 0.49 -42.24
CA VAL F 180 -7.15 -0.19 -41.64
C VAL F 180 -5.94 -0.19 -42.56
N ASP F 181 -4.75 -0.14 -41.97
CA ASP F 181 -3.50 -0.21 -42.71
C ASP F 181 -2.59 -1.25 -42.08
N LYS F 182 -2.55 -2.42 -42.69
CA LYS F 182 -1.77 -3.54 -42.18
C LYS F 182 -0.29 -3.21 -42.09
N SER F 183 0.24 -2.56 -43.12
CA SER F 183 1.65 -2.22 -43.20
C SER F 183 2.10 -1.40 -42.00
N SER F 184 1.28 -0.41 -41.64
CA SER F 184 1.61 0.48 -40.54
C SER F 184 1.03 -0.01 -39.21
N THR F 185 0.18 -1.03 -39.27
CA THR F 185 -0.42 -1.60 -38.06
C THR F 185 -1.22 -0.51 -37.33
N THR F 186 -2.18 0.07 -38.03
CA THR F 186 -2.98 1.17 -37.48
C THR F 186 -4.43 1.07 -37.91
N ALA F 187 -5.35 1.23 -36.96
CA ALA F 187 -6.77 1.27 -37.27
C ALA F 187 -7.27 2.71 -37.18
N TYR F 188 -8.19 3.06 -38.07
CA TYR F 188 -8.72 4.42 -38.11
C TYR F 188 -10.24 4.42 -38.04
N MET F 189 -10.77 5.45 -37.41
CA MET F 189 -12.21 5.63 -37.29
C MET F 189 -12.54 7.10 -37.48
N GLU F 190 -13.25 7.43 -38.55
CA GLU F 190 -13.62 8.82 -38.82
C GLU F 190 -15.10 9.03 -38.57
N LEU F 191 -15.44 10.21 -38.05
CA LEU F 191 -16.82 10.55 -37.72
C LEU F 191 -17.29 11.75 -38.53
N ARG F 192 -18.48 11.62 -39.13
CA ARG F 192 -19.05 12.67 -39.98
C ARG F 192 -20.23 13.38 -39.31
N SER F 193 -20.45 14.62 -39.71
CA SER F 193 -21.57 15.42 -39.19
C SER F 193 -21.49 15.54 -37.68
N LEU F 194 -20.38 16.07 -37.19
CA LEU F 194 -20.15 16.13 -35.76
C LEU F 194 -20.97 17.23 -35.10
N THR F 195 -21.71 16.82 -34.07
CA THR F 195 -22.54 17.72 -33.28
C THR F 195 -22.22 17.50 -31.80
N SER F 196 -22.74 18.38 -30.96
CA SER F 196 -22.43 18.36 -29.52
C SER F 196 -22.68 17.00 -28.88
N GLU F 197 -23.46 16.15 -29.53
CA GLU F 197 -23.74 14.81 -29.04
C GLU F 197 -22.53 13.89 -29.13
N ASP F 198 -21.54 14.27 -29.93
CA ASP F 198 -20.38 13.42 -30.17
C ASP F 198 -19.24 13.72 -29.21
N SER F 199 -19.45 14.67 -28.30
CA SER F 199 -18.47 14.97 -27.28
C SER F 199 -18.32 13.77 -26.35
N ALA F 200 -17.27 12.98 -26.56
CA ALA F 200 -17.07 11.76 -25.79
C ALA F 200 -15.64 11.23 -25.95
N VAL F 201 -15.24 10.35 -25.03
CA VAL F 201 -13.96 9.66 -25.15
C VAL F 201 -14.16 8.40 -25.98
N TYR F 202 -13.31 8.21 -26.98
CA TYR F 202 -13.43 7.06 -27.87
C TYR F 202 -12.28 6.08 -27.70
N TYR F 203 -12.63 4.83 -27.43
CA TYR F 203 -11.66 3.77 -27.21
C TYR F 203 -11.68 2.75 -28.34
N CYS F 204 -10.51 2.44 -28.89
CA CYS F 204 -10.37 1.30 -29.78
C CYS F 204 -9.79 0.14 -28.99
N THR F 205 -10.39 -1.04 -29.14
CA THR F 205 -10.02 -2.19 -28.33
C THR F 205 -9.90 -3.47 -29.15
N ARG F 206 -9.02 -4.36 -28.71
CA ARG F 206 -8.73 -5.60 -29.43
C ARG F 206 -9.63 -6.72 -28.95
N SER F 207 -9.97 -7.62 -29.86
CA SER F 207 -10.79 -8.77 -29.52
C SER F 207 -10.37 -10.01 -30.29
N PRO F 208 -9.89 -11.04 -29.58
CA PRO F 208 -9.59 -12.28 -30.29
C PRO F 208 -10.85 -12.88 -30.90
N VAL F 209 -10.67 -13.67 -31.96
CA VAL F 209 -11.79 -14.35 -32.60
C VAL F 209 -12.30 -15.47 -31.69
N ARG F 210 -11.47 -15.85 -30.71
CA ARG F 210 -11.81 -16.94 -29.81
C ARG F 210 -10.85 -17.00 -28.62
N PRO F 211 -11.37 -16.79 -27.39
CA PRO F 211 -12.75 -16.40 -27.06
C PRO F 211 -13.00 -14.94 -27.40
N TYR F 212 -14.26 -14.57 -27.58
CA TYR F 212 -14.61 -13.19 -27.88
C TYR F 212 -14.65 -12.34 -26.62
N TYR F 213 -13.75 -11.39 -26.53
CA TYR F 213 -13.70 -10.46 -25.41
C TYR F 213 -12.81 -9.29 -25.74
N PHE F 214 -12.84 -8.25 -24.91
CA PHE F 214 -11.98 -7.08 -25.12
C PHE F 214 -10.84 -7.05 -24.11
N ASP F 215 -9.69 -7.58 -24.52
CA ASP F 215 -8.57 -7.79 -23.62
C ASP F 215 -7.62 -6.60 -23.55
N TYR F 216 -7.57 -5.81 -24.62
CA TYR F 216 -6.67 -4.66 -24.67
C TYR F 216 -7.34 -3.43 -25.24
N TRP F 217 -7.10 -2.31 -24.57
CA TRP F 217 -7.75 -1.04 -24.89
C TRP F 217 -6.74 0.09 -25.06
N GLY F 218 -7.07 1.06 -25.90
CA GLY F 218 -6.24 2.24 -26.05
C GLY F 218 -6.47 3.16 -24.86
N GLN F 219 -5.66 4.21 -24.76
CA GLN F 219 -5.78 5.15 -23.64
C GLN F 219 -7.05 6.00 -23.78
N GLY F 220 -7.70 5.89 -24.92
CA GLY F 220 -8.92 6.64 -25.18
C GLY F 220 -8.62 8.08 -25.51
N THR F 221 -9.24 8.57 -26.58
CA THR F 221 -9.08 9.96 -26.99
C THR F 221 -10.36 10.75 -26.77
N THR F 222 -10.23 11.93 -26.19
CA THR F 222 -11.37 12.78 -25.89
C THR F 222 -11.71 13.69 -27.06
N LEU F 223 -12.99 13.70 -27.44
CA LEU F 223 -13.48 14.57 -28.50
C LEU F 223 -14.32 15.69 -27.91
N THR F 224 -14.05 16.92 -28.32
CA THR F 224 -14.85 18.07 -27.94
C THR F 224 -15.21 18.87 -29.19
N VAL F 225 -16.49 19.18 -29.33
CA VAL F 225 -16.98 19.87 -30.53
C VAL F 225 -17.66 21.19 -30.14
N SER F 226 -16.98 22.29 -30.46
CA SER F 226 -17.46 23.64 -30.17
C SER F 226 -17.42 23.96 -28.68
N HIS F 227 -17.10 25.22 -28.34
CA HIS F 227 -17.09 25.66 -26.95
C HIS F 227 -16.93 27.19 -26.84
N HIS F 228 -17.59 27.90 -27.75
CA HIS F 228 -17.57 29.37 -27.81
C HIS F 228 -16.12 29.90 -27.74
N HIS F 229 -15.86 30.87 -26.86
CA HIS F 229 -14.53 31.36 -26.48
C HIS F 229 -13.76 32.00 -27.63
N HIS F 230 -13.21 33.18 -27.34
CA HIS F 230 -12.49 34.00 -28.29
C HIS F 230 -12.02 35.27 -27.60
#